data_8BHD
#
_entry.id   8BHD
#
_cell.length_a   130.110
_cell.length_b   88.510
_cell.length_c   168.640
_cell.angle_alpha   90.000
_cell.angle_beta   105.700
_cell.angle_gamma   90.000
#
_symmetry.space_group_name_H-M   'C 1 2 1'
#
loop_
_entity.id
_entity.type
_entity.pdbx_description
1 polymer 'Glutamate--tRNA ligase'
2 non-polymer 'SULFATE ION'
3 non-polymer GLYCEROL
4 non-polymer 'TERBIUM(III) ION'
#
_entity_poly.entity_id   1
_entity_poly.type   'polypeptide(L)'
_entity_poly.pdbx_seq_one_letter_code
;MGIKDSKINIYYGKNYPFLCRTVFNIYQNNIKKKTANNLNDKKIKEICVNFINDKTVVEDIKVEFVRNTVSDQTRKNTNT
NNSVTSSDKIFAINLDFLLKTNLYYFTSYRENINRNIITNVFFQAQYNEWIDFLRNKDIEKNIIPICEHINKHLYLNTFL
SFHYLTLSDIYIYYEMHKYFSGNITTNLKYPKQYKNINRWFRLIKALLHDHVATDAELIQNLKVKEKIFIDGGSSGLVPR
GSSHHHHHH
;
_entity_poly.pdbx_strand_id   A,B,C,D,E
#
loop_
_chem_comp.id
_chem_comp.type
_chem_comp.name
_chem_comp.formula
GOL non-polymer GLYCEROL 'C3 H8 O3'
SO4 non-polymer 'SULFATE ION' 'O4 S -2'
TB non-polymer 'TERBIUM(III) ION' 'Tb 3'
#
# COMPACT_ATOMS: atom_id res chain seq x y z
N SER A 6 -20.37 15.44 54.87
CA SER A 6 -19.67 14.35 54.22
C SER A 6 -18.29 14.16 54.82
N LYS A 7 -18.01 12.94 55.29
CA LYS A 7 -16.76 12.61 55.96
C LYS A 7 -16.06 11.49 55.21
N ILE A 8 -14.78 11.70 54.87
CA ILE A 8 -13.94 10.68 54.28
C ILE A 8 -12.66 10.59 55.10
N ASN A 9 -12.31 9.38 55.52
CA ASN A 9 -11.12 9.14 56.32
C ASN A 9 -10.10 8.38 55.50
N ILE A 10 -8.88 8.89 55.46
CA ILE A 10 -7.77 8.28 54.74
C ILE A 10 -6.74 7.81 55.76
N TYR A 11 -6.51 6.50 55.79
CA TYR A 11 -5.61 5.88 56.74
C TYR A 11 -4.30 5.56 56.03
N TYR A 12 -3.20 6.07 56.58
CA TYR A 12 -1.89 5.90 55.96
C TYR A 12 -0.90 5.34 56.97
N GLY A 13 0.20 4.82 56.45
CA GLY A 13 1.22 4.33 57.36
C GLY A 13 2.57 4.90 57.02
N LYS A 14 3.48 4.05 56.61
CA LYS A 14 4.85 4.51 56.38
C LYS A 14 4.79 5.54 55.27
N ASN A 15 3.98 5.28 54.27
CA ASN A 15 3.98 6.19 53.10
C ASN A 15 2.84 7.20 53.26
N TYR A 16 3.20 8.48 53.41
CA TYR A 16 2.23 9.57 53.57
C TYR A 16 1.64 9.96 52.22
N PRO A 17 0.32 10.13 52.13
CA PRO A 17 -0.34 10.50 50.87
C PRO A 17 -0.20 11.97 50.51
N PHE A 18 0.97 12.34 49.98
CA PHE A 18 1.23 13.73 49.62
C PHE A 18 0.29 14.20 48.52
N LEU A 19 0.06 13.35 47.51
CA LEU A 19 -0.78 13.75 46.37
C LEU A 19 -2.21 14.01 46.81
N CYS A 20 -2.79 13.12 47.63
CA CYS A 20 -4.14 13.31 48.12
C CYS A 20 -4.23 14.53 49.03
N ARG A 21 -3.23 14.72 49.90
CA ARG A 21 -3.22 15.89 50.78
C ARG A 21 -3.17 17.18 49.98
N THR A 22 -2.32 17.23 48.94
CA THR A 22 -2.21 18.42 48.11
C THR A 22 -3.51 18.75 47.41
N VAL A 23 -4.19 17.73 46.87
CA VAL A 23 -5.47 17.94 46.20
C VAL A 23 -6.49 18.50 47.18
N PHE A 24 -6.54 17.96 48.40
CA PHE A 24 -7.49 18.44 49.40
C PHE A 24 -7.20 19.88 49.79
N ASN A 25 -5.91 20.23 49.91
CA ASN A 25 -5.57 21.61 50.27
C ASN A 25 -6.00 22.59 49.18
N ILE A 26 -5.85 22.21 47.91
CA ILE A 26 -6.33 23.05 46.81
C ILE A 26 -7.84 23.21 46.89
N TYR A 27 -8.56 22.12 47.19
CA TYR A 27 -10.01 22.21 47.33
C TYR A 27 -10.39 23.16 48.45
N GLN A 28 -9.66 23.12 49.58
CA GLN A 28 -9.97 24.01 50.69
C GLN A 28 -9.72 25.47 50.30
N ASN A 29 -8.62 25.75 49.60
CA ASN A 29 -8.33 27.12 49.19
C ASN A 29 -9.27 27.57 48.06
N ASN A 30 -9.79 26.64 47.27
CA ASN A 30 -10.78 27.02 46.27
C ASN A 30 -12.07 27.48 46.94
N ILE A 31 -12.45 26.82 48.04
CA ILE A 31 -13.59 27.28 48.82
C ILE A 31 -13.29 28.63 49.45
N LYS A 32 -12.05 28.83 49.89
CA LYS A 32 -11.64 30.10 50.48
C LYS A 32 -11.68 31.24 49.47
N LYS A 33 -11.70 30.93 48.17
CA LYS A 33 -11.85 31.95 47.16
C LYS A 33 -13.32 32.15 46.85
N LYS A 34 -14.12 31.11 47.04
CA LYS A 34 -15.56 31.21 46.96
C LYS A 34 -16.06 31.98 48.19
N THR A 35 -17.16 32.69 48.02
CA THR A 35 -17.69 33.59 49.05
C THR A 35 -16.57 34.47 49.61
N ALA A 36 -15.93 35.19 48.69
CA ALA A 36 -14.76 36.01 48.99
C ALA A 36 -15.03 37.07 50.06
N LYS A 45 -22.10 22.63 51.74
CA LYS A 45 -21.84 21.26 51.34
C LYS A 45 -20.34 20.99 51.28
N GLU A 46 -19.61 21.57 52.22
CA GLU A 46 -18.17 21.33 52.32
C GLU A 46 -17.91 19.87 52.68
N ILE A 47 -16.90 19.29 52.05
CA ILE A 47 -16.54 17.89 52.24
C ILE A 47 -15.27 17.86 53.08
N CYS A 48 -15.27 17.04 54.13
CA CYS A 48 -14.16 16.95 55.06
C CYS A 48 -13.42 15.64 54.87
N VAL A 49 -12.12 15.73 54.56
CA VAL A 49 -11.25 14.58 54.39
C VAL A 49 -10.22 14.57 55.51
N ASN A 50 -10.12 13.45 56.22
CA ASN A 50 -9.23 13.30 57.35
C ASN A 50 -8.06 12.40 56.98
N PHE A 51 -6.88 12.74 57.48
CA PHE A 51 -5.63 12.03 57.19
C PHE A 51 -5.09 11.44 58.48
N ILE A 52 -5.61 10.27 58.85
CA ILE A 52 -5.27 9.63 60.11
C ILE A 52 -4.08 8.69 59.92
N ASN A 53 -3.12 8.77 60.84
CA ASN A 53 -1.92 7.94 60.80
C ASN A 53 -2.26 6.63 61.52
N ASP A 54 -2.18 5.51 60.80
CA ASP A 54 -2.48 4.21 61.37
C ASP A 54 -1.22 3.37 61.40
N LYS A 55 -0.92 2.79 62.55
CA LYS A 55 0.27 1.96 62.67
C LYS A 55 0.12 0.63 61.96
N THR A 56 -1.11 0.18 61.70
CA THR A 56 -1.34 -1.11 61.09
C THR A 56 -1.52 -1.02 59.58
N VAL A 57 -0.93 -0.01 58.94
CA VAL A 57 -0.87 0.10 57.49
C VAL A 57 0.60 0.12 57.08
N VAL A 58 0.92 -0.65 56.03
CA VAL A 58 2.33 -0.85 55.69
C VAL A 58 2.82 0.20 54.70
N GLU A 59 2.28 0.19 53.48
CA GLU A 59 2.72 1.11 52.44
C GLU A 59 1.61 1.72 51.61
N ASP A 60 0.38 1.24 51.70
CA ASP A 60 -0.70 1.71 50.85
C ASP A 60 -1.63 2.61 51.65
N ILE A 61 -2.76 2.97 51.06
CA ILE A 61 -3.74 3.85 51.68
C ILE A 61 -5.04 3.07 51.84
N LYS A 62 -5.70 3.26 52.98
CA LYS A 62 -7.03 2.73 53.23
C LYS A 62 -7.98 3.90 53.40
N VAL A 63 -9.08 3.88 52.64
CA VAL A 63 -10.04 4.97 52.62
C VAL A 63 -11.36 4.46 53.17
N GLU A 64 -11.89 5.16 54.18
CA GLU A 64 -13.15 4.80 54.81
C GLU A 64 -14.18 5.88 54.53
N PHE A 65 -15.38 5.47 54.13
CA PHE A 65 -16.47 6.39 53.80
C PHE A 65 -17.47 6.40 54.94
N VAL A 66 -17.85 7.60 55.38
CA VAL A 66 -18.78 7.75 56.48
C VAL A 66 -19.82 8.82 56.16
N ASN A 82 -17.98 1.64 55.46
CA ASN A 82 -17.43 1.05 54.24
C ASN A 82 -16.05 1.60 53.92
N SER A 83 -15.11 0.72 53.62
CA SER A 83 -13.74 1.11 53.32
C SER A 83 -13.25 0.40 52.08
N VAL A 84 -12.24 0.99 51.45
CA VAL A 84 -11.59 0.44 50.27
C VAL A 84 -10.08 0.58 50.44
N THR A 85 -9.34 -0.21 49.67
CA THR A 85 -7.89 -0.13 49.64
C THR A 85 -7.47 0.55 48.34
N SER A 86 -6.61 1.55 48.45
CA SER A 86 -6.17 2.32 47.29
C SER A 86 -4.72 2.71 47.50
N SER A 87 -4.22 3.58 46.62
CA SER A 87 -2.89 4.15 46.73
C SER A 87 -2.99 5.65 46.56
N ASP A 88 -1.95 6.39 46.97
CA ASP A 88 -1.98 7.87 46.90
C ASP A 88 -2.12 8.33 45.44
N LYS A 89 -1.52 7.61 44.50
CA LYS A 89 -1.51 8.00 43.09
C LYS A 89 -2.89 7.81 42.50
N ILE A 90 -3.57 6.75 42.87
CA ILE A 90 -4.86 6.47 42.20
C ILE A 90 -6.01 7.13 42.96
N PHE A 91 -5.97 7.14 44.28
CA PHE A 91 -7.15 7.72 44.93
C PHE A 91 -7.21 9.23 44.76
N ALA A 92 -6.09 9.88 44.42
CA ALA A 92 -6.12 11.31 44.15
C ALA A 92 -7.00 11.61 42.94
N ILE A 93 -7.10 10.67 42.00
CA ILE A 93 -8.03 10.83 40.89
C ILE A 93 -9.46 10.89 41.40
N ASN A 94 -9.81 10.03 42.35
CA ASN A 94 -11.14 10.05 42.94
C ASN A 94 -11.40 11.36 43.67
N LEU A 95 -10.40 11.86 44.41
CA LEU A 95 -10.57 13.11 45.14
C LEU A 95 -10.79 14.28 44.19
N ASP A 96 -10.05 14.32 43.07
CA ASP A 96 -10.24 15.38 42.10
C ASP A 96 -11.65 15.35 41.52
N PHE A 97 -12.18 14.15 41.28
CA PHE A 97 -13.56 14.02 40.82
C PHE A 97 -14.53 14.56 41.87
N LEU A 98 -14.33 14.18 43.13
CA LEU A 98 -15.24 14.60 44.19
C LEU A 98 -15.09 16.08 44.52
N LEU A 99 -13.86 16.57 44.61
CA LEU A 99 -13.61 17.93 45.04
C LEU A 99 -13.58 18.94 43.90
N LYS A 100 -13.65 18.47 42.65
CA LYS A 100 -13.68 19.35 41.47
C LYS A 100 -12.52 20.33 41.48
N THR A 101 -11.32 19.81 41.72
CA THR A 101 -10.10 20.63 41.77
C THR A 101 -9.51 20.93 40.40
N ASN A 102 -10.10 20.39 39.32
CA ASN A 102 -9.69 20.73 37.95
C ASN A 102 -8.26 20.29 37.65
N LEU A 103 -7.85 19.15 38.22
CA LEU A 103 -6.51 18.61 37.96
C LEU A 103 -6.52 17.35 37.12
N TYR A 104 -7.56 16.52 37.21
CA TYR A 104 -7.71 15.32 36.41
C TYR A 104 -9.00 15.32 35.61
N TYR A 105 -10.05 15.81 36.23
CA TYR A 105 -11.34 15.93 35.53
C TYR A 105 -11.53 17.42 35.33
N PHE A 106 -11.40 17.90 34.09
CA PHE A 106 -11.42 19.36 33.91
C PHE A 106 -12.79 19.89 34.30
N THR A 107 -12.82 20.95 35.11
CA THR A 107 -14.10 21.48 35.63
C THR A 107 -15.01 22.01 34.54
N SER A 108 -14.46 22.70 33.54
CA SER A 108 -15.32 23.35 32.52
C SER A 108 -16.54 22.50 32.21
N ASN A 116 -12.07 20.28 26.07
CA ASN A 116 -12.98 19.37 25.38
C ASN A 116 -12.94 17.98 26.04
N ILE A 117 -14.04 17.24 25.91
CA ILE A 117 -14.13 15.93 26.56
C ILE A 117 -13.07 14.99 25.99
N ILE A 118 -12.90 14.96 24.68
CA ILE A 118 -11.88 14.10 24.08
C ILE A 118 -10.49 14.54 24.53
N THR A 119 -10.27 15.87 24.64
CA THR A 119 -9.02 16.36 25.17
C THR A 119 -8.87 15.96 26.63
N ASN A 120 -9.96 16.01 27.41
CA ASN A 120 -9.92 15.56 28.79
C ASN A 120 -9.60 14.08 28.88
N VAL A 121 -10.25 13.26 28.05
CA VAL A 121 -9.99 11.82 28.05
C VAL A 121 -8.54 11.54 27.67
N PHE A 122 -8.00 12.32 26.73
CA PHE A 122 -6.62 12.13 26.29
C PHE A 122 -5.64 12.34 27.44
N PHE A 123 -5.87 13.36 28.28
CA PHE A 123 -4.99 13.55 29.42
C PHE A 123 -5.07 12.41 30.40
N GLN A 124 -6.28 11.91 30.65
CA GLN A 124 -6.46 10.83 31.62
C GLN A 124 -5.63 9.62 31.25
N ALA A 125 -5.55 9.30 29.95
CA ALA A 125 -4.66 8.23 29.52
C ALA A 125 -3.19 8.61 29.70
N GLN A 126 -2.86 9.90 29.54
CA GLN A 126 -1.48 10.33 29.73
C GLN A 126 -1.06 10.22 31.19
N TYR A 127 -1.96 10.54 32.12
CA TYR A 127 -1.64 10.36 33.53
C TYR A 127 -1.42 8.88 33.86
N ASN A 128 -2.22 8.00 33.25
CA ASN A 128 -2.02 6.58 33.42
C ASN A 128 -0.67 6.13 32.85
N GLU A 129 -0.19 6.81 31.80
CA GLU A 129 1.14 6.51 31.28
C GLU A 129 2.23 6.79 32.31
N TRP A 130 2.11 7.91 33.03
CA TRP A 130 3.08 8.21 34.07
C TRP A 130 3.00 7.22 35.22
N ILE A 131 1.79 6.76 35.55
CA ILE A 131 1.65 5.75 36.59
C ILE A 131 2.35 4.47 36.17
N ASP A 132 2.14 4.04 34.93
CA ASP A 132 2.79 2.83 34.44
C ASP A 132 4.29 2.99 34.35
N PHE A 133 4.77 4.21 34.07
CA PHE A 133 6.21 4.45 33.94
C PHE A 133 6.94 4.20 35.24
N LEU A 134 6.29 4.46 36.38
CA LEU A 134 6.88 4.21 37.69
C LEU A 134 6.25 3.01 38.40
N ARG A 135 5.40 2.26 37.71
CA ARG A 135 4.69 1.14 38.32
C ARG A 135 5.63 -0.03 38.56
N ASN A 136 5.84 -0.38 39.83
CA ASN A 136 6.71 -1.48 40.25
C ASN A 136 8.15 -1.28 39.81
N LYS A 137 8.60 -0.02 39.73
CA LYS A 137 9.98 0.31 39.46
C LYS A 137 10.62 0.91 40.70
N ASP A 138 11.82 0.42 41.04
CA ASP A 138 12.60 1.01 42.13
C ASP A 138 13.09 2.38 41.68
N ILE A 139 12.55 3.44 42.29
CA ILE A 139 12.91 4.80 41.87
C ILE A 139 14.38 5.06 42.16
N GLU A 140 14.87 4.63 43.32
CA GLU A 140 16.28 4.85 43.66
C GLU A 140 17.20 4.11 42.70
N LYS A 141 16.79 2.93 42.26
CA LYS A 141 17.71 2.15 41.42
C LYS A 141 17.65 2.67 40.00
N ASN A 142 16.49 3.09 39.57
CA ASN A 142 16.30 3.57 38.20
C ASN A 142 16.21 5.09 38.11
N ILE A 143 16.85 5.82 39.03
CA ILE A 143 16.67 7.27 39.07
C ILE A 143 17.24 7.92 37.81
N ILE A 144 18.35 7.42 37.30
CA ILE A 144 18.97 8.00 36.11
C ILE A 144 18.12 7.75 34.88
N PRO A 145 17.73 6.51 34.56
CA PRO A 145 16.86 6.31 33.38
C PRO A 145 15.54 7.05 33.48
N ILE A 146 14.99 7.20 34.69
CA ILE A 146 13.77 7.99 34.86
C ILE A 146 14.05 9.46 34.53
N CYS A 147 15.15 10.00 35.05
CA CYS A 147 15.49 11.39 34.80
C CYS A 147 15.82 11.64 33.33
N GLU A 148 16.45 10.67 32.66
CA GLU A 148 16.79 10.85 31.25
C GLU A 148 15.52 11.06 30.41
N HIS A 149 14.45 10.33 30.71
CA HIS A 149 13.20 10.54 29.98
C HIS A 149 12.53 11.85 30.36
N ILE A 150 12.49 12.16 31.66
CA ILE A 150 11.81 13.38 32.10
C ILE A 150 12.57 14.61 31.64
N ASN A 151 13.90 14.56 31.65
CA ASN A 151 14.69 15.73 31.25
C ASN A 151 14.45 16.06 29.79
N LYS A 152 14.46 15.04 28.92
CA LYS A 152 14.17 15.26 27.51
C LYS A 152 12.73 15.67 27.28
N HIS A 153 11.80 15.10 28.07
CA HIS A 153 10.39 15.47 27.90
C HIS A 153 10.16 16.94 28.21
N LEU A 154 10.91 17.44 29.16
CA LEU A 154 10.64 18.84 29.56
C LEU A 154 11.52 19.80 28.76
N TYR A 155 12.29 19.30 27.81
CA TYR A 155 13.21 20.18 27.08
C TYR A 155 12.37 21.18 26.31
N LEU A 156 11.36 20.64 25.67
CA LEU A 156 10.48 21.48 24.87
C LEU A 156 9.07 21.59 25.44
N ASN A 157 8.83 21.06 26.64
CA ASN A 157 7.53 21.14 27.30
C ASN A 157 7.69 21.82 28.64
N THR A 158 6.81 22.78 28.92
CA THR A 158 6.84 23.46 30.22
C THR A 158 6.24 22.58 31.31
N PHE A 159 5.10 21.95 31.03
CA PHE A 159 4.45 21.05 31.95
C PHE A 159 4.49 19.63 31.38
N LEU A 160 4.33 18.65 32.27
CA LEU A 160 4.35 17.25 31.82
C LEU A 160 3.22 16.97 30.86
N SER A 161 2.03 17.51 31.13
CA SER A 161 0.88 17.37 30.25
C SER A 161 0.32 18.74 29.92
N PHE A 162 0.16 19.01 28.63
CA PHE A 162 -0.46 20.24 28.12
C PHE A 162 0.39 21.44 28.56
N HIS A 163 -0.24 22.62 28.67
CA HIS A 163 0.46 23.85 29.02
C HIS A 163 -0.01 24.41 30.36
N TYR A 164 -0.58 23.58 31.22
CA TYR A 164 -1.05 24.02 32.52
C TYR A 164 -0.82 22.92 33.54
N LEU A 165 -0.83 23.31 34.82
CA LEU A 165 -0.64 22.37 35.90
C LEU A 165 -1.71 21.28 35.87
N THR A 166 -1.29 20.03 35.97
CA THR A 166 -2.18 18.88 35.97
C THR A 166 -1.76 17.92 37.08
N LEU A 167 -2.56 16.87 37.26
CA LEU A 167 -2.24 15.87 38.28
C LEU A 167 -0.94 15.14 37.96
N SER A 168 -0.58 15.05 36.67
CA SER A 168 0.68 14.43 36.31
C SER A 168 1.86 15.21 36.88
N ASP A 169 1.80 16.54 36.83
CA ASP A 169 2.89 17.35 37.35
C ASP A 169 3.07 17.15 38.85
N ILE A 170 1.97 17.13 39.60
CA ILE A 170 2.07 17.03 41.06
C ILE A 170 2.53 15.64 41.48
N TYR A 171 2.04 14.59 40.81
CA TYR A 171 2.44 13.23 41.16
C TYR A 171 3.94 13.02 40.96
N ILE A 172 4.44 13.41 39.79
CA ILE A 172 5.89 13.26 39.55
C ILE A 172 6.68 14.22 40.43
N TYR A 173 6.08 15.35 40.79
CA TYR A 173 6.79 16.31 41.64
C TYR A 173 7.18 15.70 42.98
N TYR A 174 6.25 14.96 43.61
CA TYR A 174 6.58 14.35 44.90
C TYR A 174 7.47 13.12 44.75
N GLU A 175 7.38 12.42 43.62
CA GLU A 175 8.28 11.30 43.39
C GLU A 175 9.71 11.79 43.17
N MET A 176 9.89 12.93 42.52
CA MET A 176 11.20 13.53 42.28
C MET A 176 11.63 14.48 43.39
N HIS A 177 10.82 14.66 44.42
CA HIS A 177 11.08 15.71 45.40
C HIS A 177 12.36 15.45 46.18
N LYS A 178 12.60 14.21 46.60
CA LYS A 178 13.78 13.90 47.41
C LYS A 178 15.08 14.11 46.64
N TYR A 179 15.03 14.15 45.31
CA TYR A 179 16.23 14.28 44.49
C TYR A 179 16.49 15.70 44.02
N PHE A 180 15.48 16.56 44.00
CA PHE A 180 15.61 17.91 43.48
C PHE A 180 15.30 19.01 44.48
N SER A 181 14.75 18.67 45.65
CA SER A 181 14.46 19.69 46.66
C SER A 181 15.72 20.31 47.24
N GLY A 182 16.87 19.63 47.13
CA GLY A 182 18.10 20.12 47.69
C GLY A 182 18.25 19.89 49.19
N ASN A 183 17.30 19.19 49.82
CA ASN A 183 17.44 18.89 51.24
C ASN A 183 18.56 17.90 51.48
N ILE A 184 18.63 16.86 50.66
CA ILE A 184 19.70 15.87 50.77
C ILE A 184 20.90 16.38 49.99
N THR A 185 22.02 16.61 50.69
CA THR A 185 23.20 17.15 50.03
C THR A 185 23.78 16.18 49.01
N THR A 186 23.67 14.87 49.26
CA THR A 186 24.18 13.87 48.33
C THR A 186 23.41 13.85 47.02
N ASN A 187 22.17 14.34 47.01
CA ASN A 187 21.34 14.35 45.81
C ASN A 187 21.42 15.65 45.03
N LEU A 188 22.36 16.53 45.36
CA LEU A 188 22.51 17.79 44.64
C LEU A 188 23.00 17.61 43.22
N LYS A 189 23.44 16.41 42.85
CA LYS A 189 23.90 16.18 41.48
C LYS A 189 22.76 16.15 40.48
N TYR A 190 21.57 15.70 40.92
CA TYR A 190 20.43 15.63 39.99
C TYR A 190 20.00 17.00 39.49
N PRO A 191 19.83 18.02 40.33
CA PRO A 191 19.51 19.35 39.77
C PRO A 191 20.56 19.87 38.81
N LYS A 192 21.83 19.55 39.06
CA LYS A 192 22.90 20.01 38.18
C LYS A 192 22.89 19.28 36.85
N GLN A 193 22.68 17.97 36.86
CA GLN A 193 22.74 17.19 35.62
C GLN A 193 21.49 17.36 34.76
N TYR A 194 20.32 17.54 35.37
CA TYR A 194 19.05 17.62 34.65
C TYR A 194 18.45 18.99 34.90
N LYS A 195 18.81 19.97 34.07
CA LYS A 195 18.38 21.34 34.28
C LYS A 195 16.90 21.51 33.97
N ASN A 196 16.39 20.81 32.95
CA ASN A 196 14.99 20.95 32.59
C ASN A 196 14.07 20.44 33.70
N ILE A 197 14.43 19.32 34.32
CA ILE A 197 13.68 18.85 35.48
C ILE A 197 13.79 19.86 36.61
N ASN A 198 14.98 20.42 36.83
CA ASN A 198 15.17 21.41 37.88
C ASN A 198 14.31 22.65 37.63
N ARG A 199 14.18 23.01 36.37
CA ARG A 199 13.30 24.15 36.08
C ARG A 199 11.90 23.74 36.48
N TRP A 200 11.43 22.72 35.79
CA TRP A 200 10.04 22.32 36.02
C TRP A 200 9.76 22.10 37.51
N PHE A 201 10.73 21.54 38.24
CA PHE A 201 10.54 21.34 39.66
C PHE A 201 10.35 22.66 40.39
N ARG A 202 11.16 23.67 40.03
CA ARG A 202 11.02 24.97 40.64
C ARG A 202 9.65 25.58 40.32
N LEU A 203 9.16 25.41 39.09
CA LEU A 203 7.85 25.94 38.72
C LEU A 203 6.75 25.30 39.56
N ILE A 204 6.74 23.96 39.62
CA ILE A 204 5.70 23.26 40.37
C ILE A 204 5.77 23.60 41.85
N LYS A 205 7.00 23.77 42.37
CA LYS A 205 7.17 24.17 43.75
C LYS A 205 6.54 25.53 44.02
N ALA A 206 6.74 26.48 43.11
CA ALA A 206 6.14 27.81 43.28
C ALA A 206 4.63 27.76 43.17
N LEU A 207 4.10 26.97 42.23
CA LEU A 207 2.65 26.89 42.06
C LEU A 207 1.97 26.28 43.29
N LEU A 208 2.59 25.25 43.88
CA LEU A 208 2.03 24.60 45.05
C LEU A 208 2.31 25.35 46.35
N HIS A 209 3.08 26.45 46.29
CA HIS A 209 3.50 27.12 47.52
C HIS A 209 2.29 27.62 48.31
N ASP A 210 1.26 28.12 47.62
CA ASP A 210 0.08 28.65 48.30
C ASP A 210 -0.77 27.56 48.93
N HIS A 211 -0.49 26.28 48.65
CA HIS A 211 -1.34 25.19 49.14
C HIS A 211 -0.62 24.20 50.05
N VAL A 212 0.71 24.11 49.99
CA VAL A 212 1.43 23.12 50.77
C VAL A 212 2.43 23.72 51.75
N ALA A 213 2.93 24.94 51.52
CA ALA A 213 3.98 25.48 52.37
C ALA A 213 3.47 25.88 53.75
N THR A 214 2.16 26.05 53.91
CA THR A 214 1.57 26.42 55.19
C THR A 214 1.01 25.22 55.94
N ASP A 215 1.02 24.03 55.34
CA ASP A 215 0.37 22.86 55.93
C ASP A 215 1.04 22.46 57.24
N ALA A 216 2.38 22.45 57.26
CA ALA A 216 3.18 22.17 58.45
C ALA A 216 3.07 20.71 58.89
N GLU A 217 2.17 19.95 58.26
CA GLU A 217 2.13 18.51 58.40
C GLU A 217 2.66 17.81 57.16
N LEU A 218 2.26 18.28 55.98
CA LEU A 218 2.89 17.82 54.75
C LEU A 218 4.37 18.20 54.75
N ILE A 219 4.70 19.41 55.21
CA ILE A 219 6.08 19.81 55.30
C ILE A 219 6.83 18.93 56.30
N GLN A 220 6.20 18.63 57.44
CA GLN A 220 6.82 17.75 58.42
C GLN A 220 7.07 16.35 57.84
N ASN A 221 6.09 15.81 57.10
CA ASN A 221 6.28 14.50 56.51
C ASN A 221 7.30 14.52 55.39
N LEU A 222 7.45 15.66 54.71
CA LEU A 222 8.51 15.78 53.70
C LEU A 222 9.88 15.66 54.34
N LYS A 223 10.08 16.32 55.48
CA LYS A 223 11.39 16.29 56.13
C LYS A 223 11.69 14.90 56.71
N VAL A 224 10.67 14.23 57.24
CA VAL A 224 10.87 12.88 57.76
C VAL A 224 11.25 11.92 56.64
N LYS A 225 10.56 12.00 55.50
CA LYS A 225 10.89 11.14 54.37
C LYS A 225 12.29 11.44 53.85
N GLU A 226 12.66 12.72 53.79
CA GLU A 226 14.00 13.12 53.38
C GLU A 226 15.03 12.94 54.49
N LYS A 227 14.60 12.63 55.71
CA LYS A 227 15.50 12.42 56.85
C LYS A 227 16.36 13.65 57.13
N SER B 6 13.02 16.34 4.20
CA SER B 6 12.11 15.39 4.84
C SER B 6 12.48 15.17 6.30
N LYS B 7 11.57 14.55 7.05
CA LYS B 7 11.75 14.34 8.48
C LYS B 7 11.46 12.88 8.82
N ILE B 8 12.31 12.31 9.68
CA ILE B 8 12.15 10.95 10.17
C ILE B 8 12.37 10.94 11.67
N ASN B 9 11.43 10.37 12.41
CA ASN B 9 11.49 10.31 13.86
C ASN B 9 11.66 8.87 14.32
N ILE B 10 12.66 8.64 15.17
CA ILE B 10 12.95 7.32 15.73
C ILE B 10 12.69 7.38 17.22
N TYR B 11 11.74 6.57 17.69
CA TYR B 11 11.34 6.53 19.09
C TYR B 11 11.95 5.30 19.74
N TYR B 12 12.68 5.51 20.83
CA TYR B 12 13.35 4.40 21.50
C TYR B 12 12.99 4.35 22.98
N GLY B 13 12.98 3.14 23.52
CA GLY B 13 12.69 2.91 24.92
C GLY B 13 13.74 2.07 25.62
N LYS B 14 14.50 2.68 26.52
CA LYS B 14 15.49 2.02 27.39
C LYS B 14 16.69 1.49 26.59
N ASN B 15 16.50 1.26 25.30
CA ASN B 15 17.59 0.88 24.41
C ASN B 15 17.93 2.09 23.56
N TYR B 16 19.18 2.46 23.53
CA TYR B 16 19.47 3.60 22.67
C TYR B 16 19.94 3.09 21.32
N PRO B 17 19.42 3.61 20.22
CA PRO B 17 19.87 3.13 18.89
C PRO B 17 21.24 3.68 18.51
N PHE B 18 22.27 3.07 19.09
CA PHE B 18 23.64 3.52 18.85
C PHE B 18 24.02 3.37 17.39
N LEU B 19 23.65 2.26 16.77
CA LEU B 19 24.02 2.02 15.37
C LEU B 19 23.37 3.05 14.45
N CYS B 20 22.07 3.31 14.65
CA CYS B 20 21.40 4.32 13.85
C CYS B 20 21.94 5.72 14.13
N ARG B 21 22.22 6.02 15.40
CA ARG B 21 22.78 7.31 15.74
C ARG B 21 24.16 7.50 15.10
N THR B 22 25.00 6.47 15.15
CA THR B 22 26.33 6.56 14.56
C THR B 22 26.25 6.75 13.05
N VAL B 23 25.36 6.02 12.38
CA VAL B 23 25.21 6.16 10.94
C VAL B 23 24.77 7.58 10.59
N PHE B 24 23.82 8.13 11.35
CA PHE B 24 23.36 9.50 11.10
C PHE B 24 24.47 10.50 11.35
N ASN B 25 25.27 10.29 12.39
CA ASN B 25 26.39 11.20 12.66
C ASN B 25 27.41 11.18 11.54
N ILE B 26 27.69 10.00 10.99
CA ILE B 26 28.59 9.90 9.84
C ILE B 26 28.01 10.66 8.66
N TYR B 27 26.70 10.53 8.43
CA TYR B 27 26.04 11.26 7.36
C TYR B 27 26.17 12.76 7.54
N GLN B 28 26.00 13.26 8.77
CA GLN B 28 26.10 14.69 9.01
C GLN B 28 27.52 15.20 8.77
N ASN B 29 28.53 14.44 9.21
CA ASN B 29 29.91 14.86 8.97
C ASN B 29 30.30 14.73 7.51
N ASN B 30 29.66 13.83 6.77
CA ASN B 30 29.86 13.77 5.33
C ASN B 30 29.31 15.02 4.65
N ILE B 31 28.17 15.52 5.14
CA ILE B 31 27.60 16.76 4.62
C ILE B 31 28.53 17.93 4.93
N LYS B 32 29.12 17.95 6.12
CA LYS B 32 30.02 19.02 6.52
C LYS B 32 31.31 19.04 5.69
N LYS B 33 31.65 17.94 5.02
CA LYS B 33 32.84 17.93 4.18
C LYS B 33 32.51 18.28 2.74
N LYS B 34 31.27 18.04 2.32
CA LYS B 34 30.82 18.45 1.00
C LYS B 34 30.69 19.98 0.94
N THR B 35 29.77 20.53 1.73
CA THR B 35 29.48 21.97 1.68
C THR B 35 30.73 22.82 1.91
N ALA B 36 31.74 22.28 2.60
CA ALA B 36 32.91 23.08 2.95
C ALA B 36 33.67 23.54 1.71
N ASN B 37 33.99 22.60 0.82
CA ASN B 37 34.75 22.94 -0.38
C ASN B 37 33.87 23.19 -1.59
N ASN B 38 32.77 22.44 -1.74
CA ASN B 38 31.84 22.66 -2.83
C ASN B 38 31.02 23.92 -2.54
N LEU B 39 31.26 24.97 -3.31
CA LEU B 39 30.61 26.25 -3.10
C LEU B 39 29.72 26.69 -4.25
N ASN B 40 29.90 26.15 -5.46
CA ASN B 40 29.07 26.55 -6.59
C ASN B 40 27.64 26.04 -6.44
N ASP B 41 27.47 24.81 -5.98
CA ASP B 41 26.15 24.22 -5.84
C ASP B 41 25.95 23.61 -4.45
N LYS B 45 19.08 19.01 -0.40
CA LYS B 45 18.19 17.91 -0.02
C LYS B 45 18.74 17.19 1.21
N GLU B 46 18.61 17.82 2.37
CA GLU B 46 19.12 17.29 3.62
C GLU B 46 17.98 16.66 4.42
N ILE B 47 18.26 15.49 5.00
CA ILE B 47 17.28 14.72 5.75
C ILE B 47 17.61 14.85 7.23
N CYS B 48 16.59 15.14 8.03
CA CYS B 48 16.73 15.31 9.48
C CYS B 48 16.13 14.11 10.18
N VAL B 49 16.94 13.42 10.98
CA VAL B 49 16.51 12.25 11.73
C VAL B 49 16.53 12.60 13.22
N ASN B 50 15.41 12.39 13.89
CA ASN B 50 15.25 12.73 15.29
C ASN B 50 15.22 11.46 16.14
N PHE B 51 15.84 11.54 17.32
CA PHE B 51 15.96 10.43 18.25
C PHE B 51 15.22 10.82 19.53
N ILE B 52 13.90 10.63 19.51
CA ILE B 52 13.02 11.06 20.58
C ILE B 52 12.87 9.93 21.59
N ASN B 53 12.98 10.28 22.87
CA ASN B 53 12.89 9.29 23.95
C ASN B 53 11.42 9.17 24.35
N ASP B 54 10.85 7.99 24.16
CA ASP B 54 9.46 7.73 24.50
C ASP B 54 9.43 6.68 25.61
N LYS B 55 8.64 6.96 26.66
CA LYS B 55 8.55 6.02 27.77
C LYS B 55 7.73 4.78 27.42
N THR B 56 6.90 4.85 26.38
CA THR B 56 6.01 3.75 26.02
C THR B 56 6.60 2.85 24.96
N VAL B 57 7.92 2.74 24.89
CA VAL B 57 8.60 1.77 24.04
C VAL B 57 9.43 0.86 24.93
N VAL B 58 9.40 -0.44 24.68
CA VAL B 58 9.97 -1.40 25.61
C VAL B 58 11.44 -1.68 25.29
N GLU B 59 11.69 -2.30 24.14
CA GLU B 59 13.06 -2.69 23.77
C GLU B 59 13.43 -2.42 22.33
N ASP B 60 12.48 -2.12 21.45
CA ASP B 60 12.74 -1.91 20.04
C ASP B 60 12.60 -0.42 19.74
N ILE B 61 12.63 -0.08 18.47
CA ILE B 61 12.50 1.31 18.03
C ILE B 61 11.24 1.43 17.20
N LYS B 62 10.57 2.57 17.34
CA LYS B 62 9.41 2.90 16.50
C LYS B 62 9.83 4.04 15.60
N VAL B 63 9.66 3.88 14.30
CA VAL B 63 10.12 4.85 13.31
C VAL B 63 8.90 5.46 12.63
N GLU B 64 8.81 6.78 12.68
CA GLU B 64 7.72 7.52 12.08
C GLU B 64 8.25 8.37 10.94
N PHE B 65 7.55 8.34 9.81
CA PHE B 65 7.95 9.09 8.62
C PHE B 65 7.08 10.32 8.49
N VAL B 66 7.71 11.47 8.26
CA VAL B 66 7.01 12.74 8.17
C VAL B 66 7.49 13.53 6.97
N ASN B 82 2.68 7.74 8.64
CA ASN B 82 2.62 6.35 9.05
C ASN B 82 3.96 5.88 9.62
N SER B 83 3.90 4.94 10.55
CA SER B 83 5.05 4.48 11.30
C SER B 83 5.26 2.98 11.12
N VAL B 84 6.47 2.53 11.41
CA VAL B 84 6.83 1.13 11.35
C VAL B 84 7.60 0.74 12.60
N THR B 85 7.64 -0.56 12.87
CA THR B 85 8.38 -1.11 13.99
C THR B 85 9.62 -1.83 13.47
N SER B 86 10.78 -1.51 14.06
CA SER B 86 12.04 -2.08 13.63
C SER B 86 12.94 -2.25 14.86
N SER B 87 14.20 -2.57 14.61
CA SER B 87 15.22 -2.66 15.65
C SER B 87 16.45 -1.88 15.20
N ASP B 88 17.29 -1.52 16.17
CA ASP B 88 18.48 -0.72 15.87
C ASP B 88 19.40 -1.42 14.88
N LYS B 89 19.55 -2.72 15.03
CA LYS B 89 20.53 -3.47 14.21
C LYS B 89 20.05 -3.64 12.77
N ILE B 90 18.77 -3.48 12.56
CA ILE B 90 18.20 -3.71 11.23
C ILE B 90 17.85 -2.41 10.52
N PHE B 91 17.29 -1.43 11.24
CA PHE B 91 16.91 -0.17 10.60
C PHE B 91 18.13 0.65 10.19
N ALA B 92 19.31 0.36 10.73
CA ALA B 92 20.51 1.05 10.29
C ALA B 92 20.81 0.77 8.83
N ILE B 93 20.40 -0.40 8.33
CA ILE B 93 20.52 -0.69 6.91
C ILE B 93 19.67 0.28 6.10
N ASN B 94 18.45 0.56 6.56
CA ASN B 94 17.60 1.52 5.88
C ASN B 94 18.22 2.91 5.90
N LEU B 95 18.80 3.31 7.03
CA LEU B 95 19.42 4.63 7.11
C LEU B 95 20.63 4.73 6.20
N ASP B 96 21.44 3.68 6.14
CA ASP B 96 22.59 3.69 5.23
C ASP B 96 22.14 3.78 3.77
N PHE B 97 21.05 3.08 3.43
CA PHE B 97 20.48 3.20 2.09
C PHE B 97 20.02 4.63 1.81
N LEU B 98 19.32 5.24 2.76
CA LEU B 98 18.78 6.57 2.55
C LEU B 98 19.87 7.63 2.56
N LEU B 99 20.81 7.54 3.49
CA LEU B 99 21.82 8.58 3.69
C LEU B 99 23.08 8.35 2.87
N LYS B 100 23.21 7.20 2.21
CA LYS B 100 24.38 6.88 1.38
C LYS B 100 25.68 7.07 2.15
N THR B 101 25.73 6.48 3.35
CA THR B 101 26.92 6.55 4.19
C THR B 101 27.99 5.54 3.79
N ASN B 102 27.72 4.69 2.80
CA ASN B 102 28.71 3.77 2.24
C ASN B 102 29.16 2.73 3.27
N LEU B 103 28.24 2.29 4.13
CA LEU B 103 28.52 1.28 5.13
C LEU B 103 27.87 -0.06 4.84
N TYR B 104 26.71 -0.09 4.20
CA TYR B 104 26.03 -1.32 3.82
C TYR B 104 25.74 -1.40 2.32
N TYR B 105 25.33 -0.30 1.70
CA TYR B 105 25.20 -0.20 0.26
C TYR B 105 26.38 0.62 -0.26
N PHE B 106 27.21 0.01 -1.09
CA PHE B 106 28.44 0.66 -1.53
C PHE B 106 28.15 1.61 -2.68
N THR B 107 28.59 2.86 -2.52
CA THR B 107 28.32 3.90 -3.52
C THR B 107 29.59 4.23 -4.30
N ASN B 116 31.31 -6.52 -9.35
CA ASN B 116 31.49 -5.59 -8.24
C ASN B 116 30.24 -5.63 -7.35
N ILE B 117 29.07 -5.60 -8.00
CA ILE B 117 27.80 -5.63 -7.26
C ILE B 117 27.69 -6.94 -6.48
N ILE B 118 28.14 -8.04 -7.10
CA ILE B 118 28.10 -9.33 -6.42
C ILE B 118 28.93 -9.30 -5.15
N THR B 119 30.04 -8.57 -5.17
CA THR B 119 30.83 -8.40 -3.95
C THR B 119 30.04 -7.64 -2.89
N ASN B 120 29.28 -6.62 -3.32
CA ASN B 120 28.42 -5.89 -2.38
C ASN B 120 27.36 -6.81 -1.79
N VAL B 121 26.73 -7.64 -2.64
CA VAL B 121 25.71 -8.58 -2.17
C VAL B 121 26.33 -9.57 -1.19
N PHE B 122 27.57 -9.99 -1.45
CA PHE B 122 28.24 -10.93 -0.56
C PHE B 122 28.41 -10.34 0.83
N PHE B 123 28.75 -9.05 0.92
CA PHE B 123 28.86 -8.41 2.22
C PHE B 123 27.51 -8.36 2.94
N GLN B 124 26.45 -8.03 2.21
CA GLN B 124 25.12 -7.91 2.81
C GLN B 124 24.71 -9.21 3.49
N ALA B 125 25.01 -10.36 2.86
CA ALA B 125 24.75 -11.63 3.52
C ALA B 125 25.63 -11.84 4.74
N GLN B 126 26.86 -11.31 4.71
CA GLN B 126 27.75 -11.43 5.86
C GLN B 126 27.21 -10.64 7.05
N TYR B 127 26.67 -9.45 6.80
CA TYR B 127 26.08 -8.68 7.89
C TYR B 127 24.90 -9.41 8.51
N ASN B 128 24.08 -10.06 7.69
CA ASN B 128 22.98 -10.87 8.22
C ASN B 128 23.50 -12.05 9.03
N GLU B 129 24.68 -12.58 8.68
CA GLU B 129 25.28 -13.64 9.50
C GLU B 129 25.60 -13.12 10.90
N TRP B 130 26.13 -11.90 10.99
CA TRP B 130 26.40 -11.31 12.29
C TRP B 130 25.11 -11.04 13.05
N ILE B 131 24.06 -10.62 12.35
CA ILE B 131 22.77 -10.43 12.99
C ILE B 131 22.25 -11.76 13.53
N ASP B 132 22.31 -12.81 12.72
CA ASP B 132 21.85 -14.12 13.15
C ASP B 132 22.74 -14.68 14.26
N PHE B 133 24.02 -14.34 14.26
CA PHE B 133 24.93 -14.85 15.27
C PHE B 133 24.56 -14.37 16.66
N LEU B 134 23.99 -13.18 16.78
CA LEU B 134 23.54 -12.65 18.07
C LEU B 134 22.02 -12.63 18.21
N ARG B 135 21.29 -13.20 17.26
CA ARG B 135 19.83 -13.16 17.30
C ARG B 135 19.30 -14.14 18.35
N ASN B 136 18.59 -13.61 19.33
CA ASN B 136 17.99 -14.39 20.43
C ASN B 136 19.04 -15.11 21.26
N LYS B 137 20.25 -14.55 21.35
CA LYS B 137 21.30 -15.08 22.22
C LYS B 137 21.56 -14.12 23.38
N ASP B 138 21.61 -14.65 24.59
CA ASP B 138 21.99 -13.88 25.76
C ASP B 138 23.48 -13.57 25.68
N ILE B 139 23.82 -12.29 25.51
CA ILE B 139 25.22 -11.90 25.32
C ILE B 139 26.05 -12.23 26.56
N GLU B 140 25.52 -11.94 27.75
CA GLU B 140 26.26 -12.19 28.98
C GLU B 140 26.52 -13.68 29.19
N LYS B 141 25.52 -14.52 28.95
CA LYS B 141 25.67 -15.95 29.21
C LYS B 141 26.62 -16.60 28.21
N ASN B 142 26.59 -16.15 26.96
CA ASN B 142 27.43 -16.72 25.91
C ASN B 142 28.59 -15.82 25.53
N ILE B 143 29.08 -15.02 26.49
CA ILE B 143 30.12 -14.05 26.16
C ILE B 143 31.41 -14.75 25.77
N ILE B 144 31.73 -15.87 26.41
CA ILE B 144 32.97 -16.58 26.11
C ILE B 144 32.91 -17.23 24.73
N PRO B 145 31.89 -18.05 24.40
CA PRO B 145 31.83 -18.58 23.03
C PRO B 145 31.71 -17.52 21.95
N ILE B 146 31.03 -16.41 22.24
CA ILE B 146 30.95 -15.32 21.27
C ILE B 146 32.32 -14.69 21.05
N CYS B 147 33.04 -14.41 22.13
CA CYS B 147 34.35 -13.78 22.00
C CYS B 147 35.34 -14.71 21.32
N GLU B 148 35.29 -16.01 21.61
CA GLU B 148 36.18 -16.95 20.95
C GLU B 148 35.93 -16.98 19.44
N HIS B 149 34.65 -16.86 19.04
CA HIS B 149 34.33 -16.84 17.62
C HIS B 149 34.82 -15.55 16.97
N ILE B 150 34.60 -14.41 17.63
CA ILE B 150 35.03 -13.13 17.06
C ILE B 150 36.55 -13.02 17.06
N ASN B 151 37.22 -13.53 18.08
CA ASN B 151 38.69 -13.30 18.10
C ASN B 151 39.30 -14.04 16.93
N LYS B 152 38.81 -15.24 16.64
CA LYS B 152 39.49 -16.00 15.59
C LYS B 152 39.37 -15.26 14.25
N HIS B 153 38.21 -14.71 13.96
CA HIS B 153 38.05 -14.10 12.63
C HIS B 153 39.06 -12.98 12.59
N LEU B 154 39.14 -12.29 13.71
CA LEU B 154 40.00 -11.09 13.71
C LEU B 154 41.47 -11.48 13.71
N TYR B 155 41.80 -12.72 14.02
CA TYR B 155 43.25 -12.99 14.10
C TYR B 155 43.82 -12.82 12.71
N LEU B 156 43.09 -13.31 11.72
CA LEU B 156 43.58 -13.21 10.34
C LEU B 156 42.97 -12.02 9.60
N ASN B 157 42.11 -11.23 10.24
CA ASN B 157 41.45 -10.15 9.49
C ASN B 157 41.47 -8.84 10.28
N THR B 158 41.69 -7.73 9.60
CA THR B 158 41.74 -6.43 10.25
C THR B 158 40.34 -5.94 10.61
N PHE B 159 39.40 -6.05 9.67
CA PHE B 159 38.01 -5.69 9.87
C PHE B 159 37.14 -6.94 9.84
N LEU B 160 35.94 -6.83 10.42
CA LEU B 160 35.02 -7.95 10.42
C LEU B 160 34.61 -8.33 9.01
N SER B 161 34.38 -7.34 8.15
CA SER B 161 34.04 -7.59 6.76
C SER B 161 35.02 -6.86 5.86
N PHE B 162 35.62 -7.58 4.93
CA PHE B 162 36.53 -7.03 3.92
C PHE B 162 37.71 -6.36 4.62
N HIS B 163 38.31 -5.37 3.97
CA HIS B 163 39.49 -4.68 4.49
C HIS B 163 39.21 -3.21 4.81
N TYR B 164 37.94 -2.86 5.02
CA TYR B 164 37.57 -1.49 5.34
C TYR B 164 36.40 -1.50 6.32
N LEU B 165 36.20 -0.37 6.98
CA LEU B 165 35.10 -0.24 7.94
C LEU B 165 33.76 -0.48 7.24
N THR B 166 32.93 -1.32 7.85
CA THR B 166 31.61 -1.64 7.34
C THR B 166 30.61 -1.57 8.48
N LEU B 167 29.33 -1.74 8.12
CA LEU B 167 28.28 -1.75 9.14
C LEU B 167 28.44 -2.92 10.10
N SER B 168 29.06 -4.02 9.65
CA SER B 168 29.30 -5.15 10.53
C SER B 168 30.23 -4.75 11.67
N ASP B 169 31.26 -3.96 11.39
CA ASP B 169 32.20 -3.55 12.42
C ASP B 169 31.52 -2.71 13.49
N ILE B 170 30.66 -1.77 13.08
CA ILE B 170 30.05 -0.86 14.04
C ILE B 170 29.01 -1.59 14.90
N TYR B 171 28.25 -2.50 14.28
CA TYR B 171 27.22 -3.24 15.03
C TYR B 171 27.84 -4.08 16.13
N ILE B 172 28.86 -4.88 15.80
CA ILE B 172 29.52 -5.70 16.80
C ILE B 172 30.27 -4.84 17.80
N TYR B 173 30.74 -3.66 17.37
CA TYR B 173 31.47 -2.76 18.26
C TYR B 173 30.62 -2.37 19.46
N TYR B 174 29.35 -2.02 19.23
CA TYR B 174 28.49 -1.61 20.33
C TYR B 174 28.03 -2.78 21.17
N GLU B 175 27.88 -3.96 20.58
CA GLU B 175 27.51 -5.14 21.37
C GLU B 175 28.66 -5.56 22.29
N MET B 176 29.90 -5.41 21.81
CA MET B 176 31.08 -5.75 22.60
C MET B 176 31.59 -4.59 23.43
N HIS B 177 30.94 -3.42 23.36
CA HIS B 177 31.49 -2.22 24.00
C HIS B 177 31.57 -2.35 25.51
N LYS B 178 30.53 -2.88 26.15
CA LYS B 178 30.55 -2.97 27.61
C LYS B 178 31.60 -3.94 28.13
N TYR B 179 32.12 -4.81 27.28
CA TYR B 179 33.10 -5.81 27.69
C TYR B 179 34.53 -5.39 27.40
N PHE B 180 34.75 -4.45 26.48
CA PHE B 180 36.09 -4.05 26.08
C PHE B 180 36.38 -2.58 26.30
N SER B 181 35.39 -1.75 26.63
CA SER B 181 35.65 -0.34 26.86
C SER B 181 36.47 -0.09 28.13
N GLY B 182 36.47 -1.04 29.05
CA GLY B 182 37.18 -0.88 30.31
C GLY B 182 36.48 -0.03 31.35
N ASN B 183 35.26 0.43 31.08
CA ASN B 183 34.53 1.21 32.07
C ASN B 183 34.10 0.32 33.25
N ILE B 184 33.59 -0.87 32.94
CA ILE B 184 33.16 -1.80 33.98
C ILE B 184 34.38 -2.60 34.46
N THR B 185 34.70 -2.46 35.74
CA THR B 185 35.91 -3.10 36.27
C THR B 185 35.83 -4.63 36.25
N THR B 186 34.64 -5.20 36.43
CA THR B 186 34.52 -6.66 36.42
C THR B 186 34.78 -7.24 35.03
N ASN B 187 34.63 -6.46 33.97
CA ASN B 187 34.81 -6.92 32.60
C ASN B 187 36.22 -6.66 32.06
N LEU B 188 37.16 -6.25 32.91
CA LEU B 188 38.52 -5.96 32.45
C LEU B 188 39.27 -7.20 31.99
N LYS B 189 38.75 -8.40 32.25
CA LYS B 189 39.44 -9.62 31.84
C LYS B 189 39.34 -9.86 30.33
N TYR B 190 38.28 -9.38 29.70
CA TYR B 190 38.08 -9.65 28.27
C TYR B 190 39.15 -9.04 27.36
N PRO B 191 39.55 -7.77 27.52
CA PRO B 191 40.60 -7.25 26.63
C PRO B 191 41.91 -8.04 26.68
N LYS B 192 42.28 -8.53 27.86
CA LYS B 192 43.53 -9.30 27.97
C LYS B 192 43.39 -10.68 27.34
N GLN B 193 42.24 -11.33 27.54
CA GLN B 193 42.08 -12.70 27.07
C GLN B 193 41.93 -12.79 25.56
N TYR B 194 41.29 -11.80 24.95
CA TYR B 194 41.03 -11.78 23.50
C TYR B 194 41.69 -10.53 22.92
N LYS B 195 42.97 -10.66 22.56
CA LYS B 195 43.73 -9.50 22.11
C LYS B 195 43.29 -9.03 20.72
N ASN B 196 42.95 -9.98 19.85
CA ASN B 196 42.55 -9.61 18.49
C ASN B 196 41.27 -8.80 18.50
N ILE B 197 40.30 -9.18 19.35
CA ILE B 197 39.13 -8.33 19.52
C ILE B 197 39.54 -6.99 20.11
N ASN B 198 40.44 -7.02 21.09
CA ASN B 198 40.92 -5.78 21.69
C ASN B 198 41.63 -4.91 20.67
N ARG B 199 42.43 -5.52 19.79
CA ARG B 199 43.06 -4.76 18.71
C ARG B 199 42.02 -4.13 17.81
N TRP B 200 41.07 -4.93 17.32
CA TRP B 200 40.02 -4.42 16.44
C TRP B 200 39.16 -3.39 17.15
N PHE B 201 38.87 -3.61 18.43
CA PHE B 201 38.06 -2.65 19.19
C PHE B 201 38.75 -1.30 19.26
N ARG B 202 40.07 -1.31 19.47
CA ARG B 202 40.82 -0.05 19.49
C ARG B 202 40.71 0.67 18.15
N LEU B 203 40.80 -0.08 17.05
CA LEU B 203 40.72 0.54 15.73
C LEU B 203 39.36 1.16 15.50
N ILE B 204 38.28 0.42 15.76
CA ILE B 204 36.93 0.93 15.50
C ILE B 204 36.65 2.15 16.36
N LYS B 205 37.13 2.14 17.61
CA LYS B 205 36.96 3.30 18.48
C LYS B 205 37.63 4.53 17.89
N ALA B 206 38.86 4.37 17.38
CA ALA B 206 39.58 5.50 16.80
C ALA B 206 38.91 6.00 15.52
N LEU B 207 38.44 5.08 14.67
CA LEU B 207 37.79 5.48 13.43
C LEU B 207 36.49 6.25 13.70
N LEU B 208 35.71 5.80 14.69
CA LEU B 208 34.45 6.43 15.03
C LEU B 208 34.61 7.66 15.93
N HIS B 209 35.84 7.98 16.33
CA HIS B 209 36.05 9.05 17.30
C HIS B 209 35.54 10.40 16.77
N ASP B 210 35.77 10.67 15.49
CA ASP B 210 35.35 11.96 14.95
C ASP B 210 33.84 12.08 14.80
N HIS B 211 33.10 10.99 15.00
CA HIS B 211 31.66 10.99 14.82
C HIS B 211 30.87 10.67 16.09
N VAL B 212 31.50 10.06 17.10
CA VAL B 212 30.77 9.62 18.29
C VAL B 212 31.29 10.30 19.55
N ALA B 213 32.56 10.70 19.54
CA ALA B 213 33.15 11.27 20.75
C ALA B 213 32.64 12.67 21.04
N THR B 214 32.08 13.35 20.04
CA THR B 214 31.57 14.70 20.20
C THR B 214 30.05 14.74 20.41
N ASP B 215 29.37 13.60 20.31
CA ASP B 215 27.91 13.58 20.37
C ASP B 215 27.40 14.03 21.73
N ALA B 216 28.06 13.53 22.79
CA ALA B 216 27.62 13.82 24.18
C ALA B 216 26.35 13.02 24.48
N GLU B 217 25.32 13.15 23.65
CA GLU B 217 24.04 12.44 23.89
C GLU B 217 24.27 10.92 23.84
N LEU B 218 25.08 10.46 22.89
CA LEU B 218 25.39 9.01 22.77
C LEU B 218 26.32 8.63 23.92
N ILE B 219 27.42 9.35 24.07
CA ILE B 219 28.36 9.08 25.17
C ILE B 219 27.61 8.96 26.49
N GLN B 220 26.63 9.83 26.72
CA GLN B 220 25.84 9.77 27.94
C GLN B 220 25.08 8.46 28.04
N ASN B 221 24.50 8.00 26.94
CA ASN B 221 23.78 6.73 26.96
C ASN B 221 24.73 5.55 27.10
N LEU B 222 25.97 5.69 26.63
CA LEU B 222 26.97 4.66 26.87
C LEU B 222 27.25 4.51 28.36
N LYS B 223 27.38 5.65 29.06
CA LYS B 223 27.66 5.60 30.49
C LYS B 223 26.46 5.07 31.26
N VAL B 224 25.25 5.44 30.85
CA VAL B 224 24.04 4.96 31.51
C VAL B 224 23.91 3.45 31.36
N LYS B 225 24.13 2.94 30.14
CA LYS B 225 23.97 1.52 29.89
C LYS B 225 24.95 0.69 30.71
N GLU B 226 26.10 1.28 30.96
CA GLU B 226 27.17 0.56 31.66
C GLU B 226 27.19 1.00 33.11
N LYS B 227 26.30 1.92 33.45
CA LYS B 227 26.21 2.30 34.88
C LYS B 227 27.62 2.61 35.37
N LYS C 7 27.94 -16.47 -11.78
CA LYS C 7 27.57 -17.76 -11.23
C LYS C 7 27.37 -17.67 -9.71
N ILE C 8 26.11 -17.83 -9.29
CA ILE C 8 25.76 -17.89 -7.87
C ILE C 8 25.10 -19.24 -7.62
N ASN C 9 25.58 -19.95 -6.61
CA ASN C 9 25.07 -21.27 -6.27
C ASN C 9 24.35 -21.19 -4.92
N ILE C 10 23.11 -21.65 -4.89
CA ILE C 10 22.29 -21.68 -3.69
C ILE C 10 22.04 -23.14 -3.33
N TYR C 11 22.51 -23.55 -2.15
CA TYR C 11 22.38 -24.93 -1.70
C TYR C 11 21.26 -25.01 -0.67
N TYR C 12 20.28 -25.87 -0.95
CA TYR C 12 19.10 -26.02 -0.10
C TYR C 12 18.91 -27.48 0.26
N GLY C 13 18.21 -27.72 1.36
CA GLY C 13 17.95 -29.07 1.82
C GLY C 13 16.48 -29.43 1.90
N LYS C 14 15.97 -29.57 3.13
CA LYS C 14 14.55 -29.86 3.31
C LYS C 14 13.66 -28.71 2.82
N ASN C 15 14.14 -27.48 2.90
CA ASN C 15 13.39 -26.32 2.45
C ASN C 15 13.87 -25.88 1.08
N TYR C 16 12.93 -25.68 0.17
CA TYR C 16 13.24 -25.19 -1.17
C TYR C 16 13.10 -23.68 -1.19
N PRO C 17 14.06 -22.96 -1.76
CA PRO C 17 13.96 -21.48 -1.78
C PRO C 17 12.97 -21.00 -2.83
N PHE C 18 11.68 -21.10 -2.49
CA PHE C 18 10.63 -20.70 -3.42
C PHE C 18 10.71 -19.21 -3.73
N LEU C 19 10.94 -18.38 -2.71
CA LEU C 19 11.02 -16.94 -2.92
C LEU C 19 12.21 -16.58 -3.80
N CYS C 20 13.37 -17.17 -3.52
CA CYS C 20 14.56 -16.90 -4.33
C CYS C 20 14.37 -17.44 -5.75
N ARG C 21 13.78 -18.64 -5.88
CA ARG C 21 13.52 -19.18 -7.21
C ARG C 21 12.55 -18.30 -7.99
N THR C 22 11.49 -17.82 -7.33
CA THR C 22 10.52 -16.96 -7.99
C THR C 22 11.17 -15.65 -8.44
N VAL C 23 11.99 -15.05 -7.59
CA VAL C 23 12.69 -13.83 -7.95
C VAL C 23 13.60 -14.07 -9.15
N PHE C 24 14.32 -15.20 -9.15
CA PHE C 24 15.19 -15.52 -10.28
C PHE C 24 14.38 -15.76 -11.55
N ASN C 25 13.23 -16.43 -11.43
CA ASN C 25 12.40 -16.68 -12.60
C ASN C 25 11.86 -15.38 -13.19
N ILE C 26 11.48 -14.43 -12.34
CA ILE C 26 11.02 -13.13 -12.83
C ILE C 26 12.15 -12.42 -13.58
N TYR C 27 13.36 -12.49 -13.04
CA TYR C 27 14.51 -11.88 -13.72
C TYR C 27 14.75 -12.51 -15.09
N GLN C 28 14.59 -13.83 -15.19
CA GLN C 28 14.80 -14.50 -16.47
C GLN C 28 13.78 -14.06 -17.51
N ASN C 29 12.51 -13.94 -17.12
CA ASN C 29 11.50 -13.49 -18.05
C ASN C 29 11.63 -12.01 -18.37
N ASN C 30 12.23 -11.22 -17.47
CA ASN C 30 12.52 -9.83 -17.81
C ASN C 30 13.56 -9.74 -18.91
N ILE C 31 14.57 -10.61 -18.87
CA ILE C 31 15.58 -10.64 -19.91
C ILE C 31 14.97 -11.09 -21.24
N LYS C 32 14.09 -12.08 -21.20
CA LYS C 32 13.48 -12.60 -22.42
C LYS C 32 12.57 -11.58 -23.11
N LYS C 33 12.06 -10.60 -22.36
CA LYS C 33 11.19 -9.58 -22.92
C LYS C 33 11.89 -8.25 -23.20
N LYS C 34 13.04 -7.97 -22.58
CA LYS C 34 13.72 -6.71 -22.87
C LYS C 34 14.20 -6.63 -24.31
N THR C 35 14.59 -7.76 -24.90
CA THR C 35 15.13 -7.77 -26.26
C THR C 35 14.17 -7.13 -27.26
N LYS C 45 25.84 -8.11 -19.40
CA LYS C 45 25.96 -9.56 -19.27
C LYS C 45 24.91 -10.09 -18.30
N GLU C 46 24.58 -11.37 -18.44
CA GLU C 46 23.54 -12.01 -17.64
C GLU C 46 24.16 -12.84 -16.52
N ILE C 47 23.52 -12.82 -15.36
CA ILE C 47 23.98 -13.50 -14.17
C ILE C 47 23.16 -14.76 -13.98
N CYS C 48 23.84 -15.88 -13.75
CA CYS C 48 23.21 -17.19 -13.62
C CYS C 48 23.22 -17.64 -12.17
N VAL C 49 22.03 -17.93 -11.64
CA VAL C 49 21.86 -18.42 -10.27
C VAL C 49 21.40 -19.87 -10.36
N ASN C 50 22.12 -20.76 -9.69
CA ASN C 50 21.84 -22.19 -9.70
C ASN C 50 21.27 -22.62 -8.36
N PHE C 51 20.33 -23.55 -8.40
CA PHE C 51 19.61 -24.05 -7.23
C PHE C 51 19.92 -25.53 -7.03
N ILE C 52 21.06 -25.82 -6.41
CA ILE C 52 21.53 -27.19 -6.22
C ILE C 52 21.02 -27.70 -4.89
N ASN C 53 20.48 -28.92 -4.89
CA ASN C 53 19.94 -29.54 -3.68
C ASN C 53 21.06 -30.30 -2.97
N ASP C 54 21.36 -29.90 -1.74
CA ASP C 54 22.38 -30.55 -0.93
C ASP C 54 21.72 -31.18 0.27
N LYS C 55 22.05 -32.45 0.54
CA LYS C 55 21.47 -33.13 1.68
C LYS C 55 22.07 -32.67 3.00
N THR C 56 23.25 -32.04 2.97
CA THR C 56 23.95 -31.66 4.20
C THR C 56 23.63 -30.25 4.66
N VAL C 57 22.45 -29.73 4.33
CA VAL C 57 21.92 -28.50 4.90
C VAL C 57 20.59 -28.85 5.57
N VAL C 58 20.35 -28.28 6.75
CA VAL C 58 19.26 -28.75 7.60
C VAL C 58 17.95 -28.05 7.24
N GLU C 59 17.88 -26.74 7.44
CA GLU C 59 16.62 -26.03 7.20
C GLU C 59 16.78 -24.72 6.45
N ASP C 60 17.99 -24.17 6.34
CA ASP C 60 18.23 -22.91 5.67
C ASP C 60 19.00 -23.15 4.38
N ILE C 61 19.45 -22.07 3.75
CA ILE C 61 20.16 -22.16 2.48
C ILE C 61 21.58 -21.64 2.66
N LYS C 62 22.52 -22.28 1.98
CA LYS C 62 23.90 -21.82 1.92
C LYS C 62 24.18 -21.35 0.50
N VAL C 63 24.72 -20.15 0.36
CA VAL C 63 24.90 -19.50 -0.94
C VAL C 63 26.38 -19.40 -1.22
N GLU C 64 26.79 -19.85 -2.42
CA GLU C 64 28.17 -19.82 -2.85
C GLU C 64 28.33 -18.80 -3.97
N PHE C 65 29.33 -17.94 -3.84
CA PHE C 65 29.62 -16.88 -4.80
C PHE C 65 30.85 -17.25 -5.61
N VAL C 66 30.74 -17.16 -6.94
CA VAL C 66 31.84 -17.49 -7.82
C VAL C 66 31.96 -16.43 -8.91
N ASN C 82 33.99 -18.29 -1.71
CA ASN C 82 33.46 -18.17 -0.35
C ASN C 82 31.94 -18.40 -0.33
N SER C 83 31.42 -18.81 0.81
CA SER C 83 30.01 -19.10 0.97
C SER C 83 29.50 -18.45 2.25
N VAL C 84 28.17 -18.26 2.29
CA VAL C 84 27.49 -17.70 3.46
C VAL C 84 26.25 -18.52 3.74
N THR C 85 25.75 -18.39 4.96
CA THR C 85 24.50 -19.04 5.36
C THR C 85 23.42 -17.98 5.45
N SER C 86 22.28 -18.25 4.82
CA SER C 86 21.16 -17.31 4.78
C SER C 86 19.87 -18.10 4.81
N SER C 87 18.76 -17.42 4.59
CA SER C 87 17.45 -18.04 4.49
C SER C 87 16.75 -17.53 3.25
N ASP C 88 15.75 -18.29 2.79
CA ASP C 88 15.01 -17.90 1.60
C ASP C 88 14.35 -16.54 1.77
N LYS C 89 13.85 -16.28 2.97
CA LYS C 89 13.09 -15.04 3.20
C LYS C 89 14.01 -13.83 3.17
N ILE C 90 15.28 -14.04 3.46
CA ILE C 90 16.23 -12.94 3.59
C ILE C 90 17.11 -12.80 2.36
N PHE C 91 17.61 -13.90 1.79
CA PHE C 91 18.49 -13.80 0.63
C PHE C 91 17.73 -13.36 -0.63
N ALA C 92 16.40 -13.49 -0.64
CA ALA C 92 15.63 -12.98 -1.77
C ALA C 92 15.76 -11.47 -1.88
N ILE C 93 15.97 -10.78 -0.75
CA ILE C 93 16.27 -9.35 -0.79
C ILE C 93 17.56 -9.10 -1.54
N ASN C 94 18.58 -9.92 -1.28
CA ASN C 94 19.85 -9.78 -2.00
C ASN C 94 19.67 -10.03 -3.49
N LEU C 95 18.88 -11.04 -3.85
CA LEU C 95 18.66 -11.35 -5.26
C LEU C 95 17.93 -10.22 -5.97
N ASP C 96 16.95 -9.61 -5.31
CA ASP C 96 16.24 -8.48 -5.92
C ASP C 96 17.19 -7.31 -6.17
N PHE C 97 18.12 -7.08 -5.23
CA PHE C 97 19.13 -6.06 -5.45
C PHE C 97 20.01 -6.39 -6.64
N LEU C 98 20.46 -7.64 -6.75
CA LEU C 98 21.36 -8.03 -7.83
C LEU C 98 20.63 -8.08 -9.17
N LEU C 99 19.44 -8.65 -9.21
CA LEU C 99 18.74 -8.90 -10.45
C LEU C 99 17.82 -7.76 -10.89
N LYS C 100 17.65 -6.74 -10.05
CA LYS C 100 16.81 -5.58 -10.36
C LYS C 100 15.40 -6.03 -10.77
N THR C 101 14.81 -6.92 -9.98
CA THR C 101 13.47 -7.42 -10.26
C THR C 101 12.36 -6.47 -9.82
N ASN C 102 12.72 -5.36 -9.16
CA ASN C 102 11.76 -4.30 -8.81
C ASN C 102 10.69 -4.80 -7.83
N LEU C 103 11.10 -5.68 -6.92
CA LEU C 103 10.22 -6.21 -5.90
C LEU C 103 10.51 -5.70 -4.50
N TYR C 104 11.78 -5.43 -4.19
CA TYR C 104 12.21 -4.86 -2.92
C TYR C 104 12.98 -3.57 -3.09
N TYR C 105 13.84 -3.51 -4.09
CA TYR C 105 14.53 -2.27 -4.46
C TYR C 105 13.88 -1.72 -5.72
N PHE C 106 13.38 -0.49 -5.62
CA PHE C 106 12.59 0.11 -6.70
C PHE C 106 13.50 0.64 -7.80
N THR C 107 13.16 0.30 -9.04
CA THR C 107 13.98 0.66 -10.19
C THR C 107 13.40 1.87 -10.94
N ASN C 116 9.84 7.97 -4.59
CA ASN C 116 11.04 8.51 -3.97
C ASN C 116 11.65 7.53 -2.98
N ILE C 117 12.92 7.76 -2.64
CA ILE C 117 13.68 6.84 -1.80
C ILE C 117 13.00 6.64 -0.45
N ILE C 118 12.42 7.70 0.11
CA ILE C 118 11.76 7.59 1.41
C ILE C 118 10.62 6.57 1.35
N THR C 119 9.87 6.56 0.25
CA THR C 119 8.84 5.54 0.07
C THR C 119 9.45 4.15 -0.05
N ASN C 120 10.57 4.04 -0.77
CA ASN C 120 11.25 2.74 -0.89
C ASN C 120 11.72 2.26 0.47
N VAL C 121 12.35 3.15 1.25
CA VAL C 121 12.84 2.77 2.58
C VAL C 121 11.67 2.37 3.48
N PHE C 122 10.53 3.06 3.34
CA PHE C 122 9.37 2.74 4.15
C PHE C 122 8.87 1.32 3.86
N PHE C 123 8.87 0.91 2.59
CA PHE C 123 8.46 -0.44 2.26
C PHE C 123 9.43 -1.47 2.84
N GLN C 124 10.73 -1.19 2.75
CA GLN C 124 11.73 -2.13 3.24
C GLN C 124 11.50 -2.45 4.71
N ALA C 125 11.12 -1.43 5.50
CA ALA C 125 10.74 -1.69 6.88
C ALA C 125 9.44 -2.49 6.97
N GLN C 126 8.51 -2.29 6.03
CA GLN C 126 7.27 -3.06 6.05
C GLN C 126 7.52 -4.54 5.79
N TYR C 127 8.43 -4.85 4.84
CA TYR C 127 8.78 -6.24 4.61
C TYR C 127 9.43 -6.86 5.84
N ASN C 128 10.27 -6.07 6.53
CA ASN C 128 10.87 -6.55 7.78
C ASN C 128 9.81 -6.82 8.84
N GLU C 129 8.72 -6.06 8.83
CA GLU C 129 7.61 -6.33 9.75
C GLU C 129 6.98 -7.69 9.48
N TRP C 130 6.80 -8.04 8.21
CA TRP C 130 6.25 -9.35 7.87
C TRP C 130 7.22 -10.46 8.23
N ILE C 131 8.52 -10.23 8.06
CA ILE C 131 9.52 -11.23 8.46
C ILE C 131 9.45 -11.47 9.97
N ASP C 132 9.38 -10.39 10.75
CA ASP C 132 9.31 -10.51 12.20
C ASP C 132 8.00 -11.15 12.65
N PHE C 133 6.92 -10.91 11.89
CA PHE C 133 5.61 -11.44 12.26
C PHE C 133 5.57 -12.96 12.21
N LEU C 134 6.33 -13.59 11.31
CA LEU C 134 6.36 -15.04 11.23
C LEU C 134 7.68 -15.65 11.71
N ARG C 135 8.59 -14.84 12.27
CA ARG C 135 9.90 -15.36 12.66
C ARG C 135 9.81 -16.19 13.93
N ASN C 136 10.19 -17.47 13.80
CA ASN C 136 10.19 -18.43 14.91
C ASN C 136 8.78 -18.66 15.46
N LYS C 137 7.77 -18.54 14.59
CA LYS C 137 6.39 -18.89 14.91
C LYS C 137 6.02 -20.14 14.14
N ASP C 138 5.41 -21.11 14.82
CA ASP C 138 4.91 -22.31 14.14
C ASP C 138 3.73 -21.88 13.27
N ILE C 139 3.92 -21.94 11.95
CA ILE C 139 2.90 -21.44 11.03
C ILE C 139 1.62 -22.25 11.18
N GLU C 140 1.74 -23.58 11.26
CA GLU C 140 0.55 -24.42 11.39
C GLU C 140 -0.14 -24.19 12.72
N LYS C 141 0.64 -24.04 13.80
CA LYS C 141 0.04 -23.88 15.12
C LYS C 141 -0.63 -22.52 15.28
N ASN C 142 -0.07 -21.47 14.68
CA ASN C 142 -0.61 -20.12 14.79
C ASN C 142 -1.33 -19.69 13.51
N ILE C 143 -1.87 -20.64 12.76
CA ILE C 143 -2.47 -20.32 11.47
C ILE C 143 -3.69 -19.43 11.64
N ILE C 144 -4.47 -19.65 12.70
CA ILE C 144 -5.70 -18.90 12.93
C ILE C 144 -5.37 -17.44 13.27
N PRO C 145 -4.52 -17.15 14.27
CA PRO C 145 -4.18 -15.73 14.52
C PRO C 145 -3.52 -15.05 13.35
N ILE C 146 -2.71 -15.79 12.57
CA ILE C 146 -2.08 -15.21 11.38
C ILE C 146 -3.13 -14.81 10.35
N CYS C 147 -4.09 -15.71 10.10
CA CYS C 147 -5.12 -15.44 9.10
C CYS C 147 -6.02 -14.29 9.54
N GLU C 148 -6.30 -14.19 10.84
CA GLU C 148 -7.15 -13.11 11.33
C GLU C 148 -6.54 -11.75 11.04
N HIS C 149 -5.22 -11.62 11.18
CA HIS C 149 -4.57 -10.34 10.87
C HIS C 149 -4.55 -10.09 9.37
N ILE C 150 -4.21 -11.11 8.58
CA ILE C 150 -4.12 -10.92 7.13
C ILE C 150 -5.50 -10.66 6.54
N ASN C 151 -6.53 -11.35 7.03
CA ASN C 151 -7.86 -11.17 6.48
C ASN C 151 -8.36 -9.75 6.70
N LYS C 152 -8.20 -9.23 7.92
CA LYS C 152 -8.60 -7.86 8.22
C LYS C 152 -7.72 -6.86 7.49
N HIS C 153 -6.43 -7.16 7.32
CA HIS C 153 -5.54 -6.27 6.60
C HIS C 153 -5.98 -6.09 5.14
N LEU C 154 -6.44 -7.16 4.52
CA LEU C 154 -6.85 -7.15 3.12
C LEU C 154 -8.29 -6.68 2.92
N TYR C 155 -8.98 -6.28 3.99
CA TYR C 155 -10.36 -5.83 3.86
C TYR C 155 -10.46 -4.59 2.98
N LEU C 156 -9.56 -3.63 3.19
CA LEU C 156 -9.50 -2.42 2.38
C LEU C 156 -8.20 -2.31 1.60
N ASN C 157 -7.37 -3.36 1.58
CA ASN C 157 -6.10 -3.33 0.87
C ASN C 157 -6.08 -4.41 -0.20
N THR C 158 -5.68 -4.04 -1.41
CA THR C 158 -5.53 -5.03 -2.48
C THR C 158 -4.25 -5.83 -2.32
N PHE C 159 -3.13 -5.16 -2.05
CA PHE C 159 -1.85 -5.80 -1.82
C PHE C 159 -1.46 -5.62 -0.35
N LEU C 160 -0.56 -6.51 0.11
CA LEU C 160 -0.08 -6.43 1.48
C LEU C 160 0.67 -5.13 1.73
N SER C 161 1.46 -4.69 0.77
CA SER C 161 2.19 -3.44 0.86
C SER C 161 1.90 -2.60 -0.38
N PHE C 162 1.50 -1.34 -0.16
CA PHE C 162 1.28 -0.34 -1.22
C PHE C 162 0.17 -0.84 -2.16
N HIS C 163 0.18 -0.37 -3.41
CA HIS C 163 -0.84 -0.68 -4.40
C HIS C 163 -0.27 -1.49 -5.57
N TYR C 164 0.85 -2.16 -5.37
CA TYR C 164 1.48 -2.96 -6.42
C TYR C 164 2.13 -4.18 -5.80
N LEU C 165 2.39 -5.18 -6.64
CA LEU C 165 3.05 -6.40 -6.20
C LEU C 165 4.42 -6.10 -5.62
N THR C 166 4.69 -6.65 -4.44
CA THR C 166 5.98 -6.46 -3.76
C THR C 166 6.49 -7.80 -3.25
N LEU C 167 7.71 -7.77 -2.71
CA LEU C 167 8.29 -8.98 -2.15
C LEU C 167 7.51 -9.47 -0.95
N SER C 168 6.82 -8.56 -0.25
CA SER C 168 5.97 -8.97 0.87
C SER C 168 4.85 -9.88 0.42
N ASP C 169 4.23 -9.56 -0.73
CA ASP C 169 3.12 -10.38 -1.22
C ASP C 169 3.60 -11.80 -1.56
N ILE C 170 4.75 -11.92 -2.22
CA ILE C 170 5.22 -13.22 -2.67
C ILE C 170 5.65 -14.08 -1.48
N TYR C 171 6.32 -13.47 -0.50
CA TYR C 171 6.78 -14.23 0.66
C TYR C 171 5.60 -14.84 1.42
N ILE C 172 4.58 -14.02 1.72
CA ILE C 172 3.40 -14.52 2.40
C ILE C 172 2.61 -15.46 1.50
N TYR C 173 2.69 -15.27 0.19
CA TYR C 173 1.97 -16.14 -0.74
C TYR C 173 2.41 -17.59 -0.59
N TYR C 174 3.71 -17.84 -0.50
CA TYR C 174 4.20 -19.21 -0.37
C TYR C 174 3.97 -19.76 1.04
N GLU C 175 3.98 -18.89 2.05
CA GLU C 175 3.66 -19.33 3.41
C GLU C 175 2.19 -19.71 3.52
N MET C 176 1.32 -18.99 2.82
CA MET C 176 -0.11 -19.27 2.83
C MET C 176 -0.53 -20.24 1.73
N HIS C 177 0.42 -20.69 0.90
CA HIS C 177 0.07 -21.51 -0.26
C HIS C 177 -0.54 -22.84 0.18
N LYS C 178 0.04 -23.47 1.20
CA LYS C 178 -0.44 -24.77 1.66
C LYS C 178 -1.84 -24.70 2.25
N TYR C 179 -2.29 -23.51 2.66
CA TYR C 179 -3.60 -23.36 3.29
C TYR C 179 -4.68 -22.82 2.37
N PHE C 180 -4.32 -22.13 1.29
CA PHE C 180 -5.30 -21.47 0.42
C PHE C 180 -5.27 -21.92 -1.03
N SER C 181 -4.29 -22.71 -1.45
CA SER C 181 -4.25 -23.14 -2.85
C SER C 181 -5.39 -24.07 -3.21
N GLY C 182 -6.04 -24.70 -2.24
CA GLY C 182 -7.10 -25.63 -2.50
C GLY C 182 -6.64 -27.02 -2.93
N ASN C 183 -5.33 -27.27 -2.96
CA ASN C 183 -4.85 -28.60 -3.30
C ASN C 183 -5.18 -29.59 -2.18
N ILE C 184 -4.95 -29.18 -0.93
CA ILE C 184 -5.29 -30.01 0.22
C ILE C 184 -6.76 -29.80 0.56
N THR C 185 -7.56 -30.87 0.47
CA THR C 185 -8.98 -30.76 0.70
C THR C 185 -9.29 -30.39 2.15
N THR C 186 -8.45 -30.82 3.09
CA THR C 186 -8.67 -30.52 4.50
C THR C 186 -8.52 -29.04 4.80
N ASN C 187 -7.79 -28.30 3.98
CA ASN C 187 -7.54 -26.88 4.21
C ASN C 187 -8.51 -25.97 3.48
N LEU C 188 -9.59 -26.52 2.89
CA LEU C 188 -10.56 -25.69 2.20
C LEU C 188 -11.36 -24.79 3.14
N LYS C 189 -11.27 -25.00 4.45
CA LYS C 189 -11.98 -24.15 5.38
C LYS C 189 -11.35 -22.77 5.48
N TYR C 190 -10.04 -22.67 5.27
CA TYR C 190 -9.39 -21.36 5.34
C TYR C 190 -9.86 -20.42 4.23
N PRO C 191 -9.92 -20.82 2.95
CA PRO C 191 -10.41 -19.89 1.93
C PRO C 191 -11.84 -19.40 2.15
N LYS C 192 -12.73 -20.26 2.67
CA LYS C 192 -14.12 -19.82 2.85
C LYS C 192 -14.24 -18.83 4.01
N GLN C 193 -13.53 -19.07 5.11
CA GLN C 193 -13.64 -18.22 6.29
C GLN C 193 -12.92 -16.90 6.10
N TYR C 194 -11.84 -16.87 5.32
CA TYR C 194 -11.04 -15.67 5.12
C TYR C 194 -11.15 -15.31 3.64
N LYS C 195 -12.18 -14.53 3.30
CA LYS C 195 -12.46 -14.21 1.90
C LYS C 195 -11.44 -13.23 1.34
N ASN C 196 -10.98 -12.27 2.15
CA ASN C 196 -10.02 -11.29 1.65
C ASN C 196 -8.69 -11.95 1.31
N ILE C 197 -8.24 -12.90 2.15
CA ILE C 197 -7.02 -13.64 1.83
C ILE C 197 -7.20 -14.45 0.55
N ASN C 198 -8.35 -15.12 0.42
CA ASN C 198 -8.61 -15.91 -0.78
C ASN C 198 -8.64 -15.05 -2.03
N ARG C 199 -9.27 -13.87 -1.95
CA ARG C 199 -9.25 -12.93 -3.07
C ARG C 199 -7.82 -12.50 -3.39
N TRP C 200 -7.08 -12.06 -2.37
CA TRP C 200 -5.69 -11.64 -2.59
C TRP C 200 -4.84 -12.81 -3.07
N PHE C 201 -5.09 -14.02 -2.54
CA PHE C 201 -4.32 -15.18 -2.97
C PHE C 201 -4.50 -15.45 -4.46
N ARG C 202 -5.73 -15.33 -4.95
CA ARG C 202 -5.98 -15.51 -6.38
C ARG C 202 -5.24 -14.46 -7.21
N LEU C 203 -5.20 -13.22 -6.73
CA LEU C 203 -4.50 -12.16 -7.46
C LEU C 203 -3.02 -12.47 -7.60
N ILE C 204 -2.36 -12.79 -6.48
CA ILE C 204 -0.92 -13.05 -6.52
C ILE C 204 -0.62 -14.29 -7.35
N LYS C 205 -1.50 -15.30 -7.27
CA LYS C 205 -1.33 -16.50 -8.07
C LYS C 205 -1.37 -16.18 -9.56
N ALA C 206 -2.31 -15.33 -9.97
CA ALA C 206 -2.41 -14.95 -11.38
C ALA C 206 -1.19 -14.14 -11.83
N LEU C 207 -0.71 -13.24 -10.98
CA LEU C 207 0.43 -12.42 -11.34
C LEU C 207 1.69 -13.28 -11.53
N LEU C 208 1.87 -14.28 -10.68
CA LEU C 208 3.04 -15.16 -10.76
C LEU C 208 2.90 -16.25 -11.82
N HIS C 209 1.74 -16.35 -12.49
CA HIS C 209 1.50 -17.44 -13.41
C HIS C 209 2.51 -17.45 -14.55
N ASP C 210 2.84 -16.27 -15.08
CA ASP C 210 3.78 -16.21 -16.21
C ASP C 210 5.21 -16.53 -15.79
N HIS C 211 5.50 -16.64 -14.50
CA HIS C 211 6.87 -16.83 -14.04
C HIS C 211 7.11 -18.12 -13.26
N VAL C 212 6.07 -18.73 -12.70
CA VAL C 212 6.26 -19.91 -11.84
C VAL C 212 5.51 -21.14 -12.35
N ALA C 213 4.44 -20.99 -13.14
CA ALA C 213 3.62 -22.15 -13.51
C ALA C 213 4.31 -23.08 -14.49
N THR C 214 5.33 -22.61 -15.21
CA THR C 214 6.06 -23.42 -16.18
C THR C 214 7.35 -24.01 -15.63
N ASP C 215 7.71 -23.68 -14.39
CA ASP C 215 9.02 -24.07 -13.86
C ASP C 215 9.14 -25.59 -13.73
N ALA C 216 8.09 -26.25 -13.22
CA ALA C 216 8.01 -27.70 -13.10
C ALA C 216 9.01 -28.25 -12.08
N GLU C 217 9.88 -27.39 -11.56
CA GLU C 217 10.73 -27.68 -10.41
C GLU C 217 10.22 -26.99 -9.15
N LEU C 218 9.83 -25.72 -9.27
CA LEU C 218 9.10 -25.06 -8.20
C LEU C 218 7.77 -25.74 -7.96
N ILE C 219 7.08 -26.15 -9.03
CA ILE C 219 5.82 -26.85 -8.91
C ILE C 219 6.01 -28.19 -8.22
N GLN C 220 7.07 -28.92 -8.58
CA GLN C 220 7.34 -30.20 -7.95
C GLN C 220 7.55 -30.07 -6.44
N ASN C 221 8.31 -29.06 -6.03
CA ASN C 221 8.55 -28.88 -4.60
C ASN C 221 7.31 -28.38 -3.87
N LEU C 222 6.41 -27.69 -4.56
CA LEU C 222 5.15 -27.28 -3.93
C LEU C 222 4.30 -28.48 -3.57
N LYS C 223 4.18 -29.45 -4.47
CA LYS C 223 3.36 -30.63 -4.20
C LYS C 223 3.99 -31.51 -3.12
N VAL C 224 5.32 -31.62 -3.12
CA VAL C 224 5.99 -32.42 -2.10
C VAL C 224 5.78 -31.82 -0.73
N LYS C 225 5.85 -30.48 -0.63
CA LYS C 225 5.65 -29.80 0.64
C LYS C 225 4.23 -29.97 1.17
N GLU C 226 3.28 -30.33 0.32
CA GLU C 226 1.91 -30.56 0.72
C GLU C 226 1.55 -32.03 0.81
N LYS C 227 2.50 -32.92 0.55
CA LYS C 227 2.24 -34.36 0.61
C LYS C 227 2.14 -34.84 2.04
N ILE D 8 -6.17 16.25 -33.28
CA ILE D 8 -7.51 15.82 -32.90
C ILE D 8 -8.07 16.73 -31.81
N ASN D 9 -9.27 17.26 -32.03
CA ASN D 9 -9.94 18.14 -31.10
C ASN D 9 -11.19 17.47 -30.55
N ILE D 10 -11.33 17.48 -29.23
CA ILE D 10 -12.47 16.89 -28.54
C ILE D 10 -13.28 18.02 -27.91
N TYR D 11 -14.52 18.18 -28.37
CA TYR D 11 -15.39 19.26 -27.93
C TYR D 11 -16.44 18.71 -26.96
N TYR D 12 -16.47 19.27 -25.75
CA TYR D 12 -17.38 18.85 -24.70
C TYR D 12 -18.11 20.06 -24.13
N GLY D 13 -19.27 19.79 -23.52
CA GLY D 13 -20.07 20.85 -22.94
C GLY D 13 -20.29 20.72 -21.45
N LYS D 14 -21.53 20.41 -21.05
CA LYS D 14 -21.82 20.23 -19.62
C LYS D 14 -21.15 18.99 -19.05
N ASN D 15 -20.93 17.96 -19.88
CA ASN D 15 -20.26 16.74 -19.45
C ASN D 15 -18.81 16.77 -19.90
N TYR D 16 -17.90 16.49 -18.96
CA TYR D 16 -16.48 16.46 -19.27
C TYR D 16 -16.04 15.04 -19.60
N PRO D 17 -15.28 14.83 -20.68
CA PRO D 17 -14.83 13.48 -21.04
C PRO D 17 -13.69 13.01 -20.16
N PHE D 18 -14.03 12.61 -18.92
CA PHE D 18 -13.02 12.17 -17.98
C PHE D 18 -12.31 10.92 -18.47
N LEU D 19 -13.06 9.96 -19.03
CA LEU D 19 -12.47 8.72 -19.50
C LEU D 19 -11.50 8.98 -20.64
N CYS D 20 -11.90 9.81 -21.60
CA CYS D 20 -11.01 10.17 -22.71
C CYS D 20 -9.80 10.96 -22.21
N ARG D 21 -10.03 11.89 -21.27
CA ARG D 21 -8.94 12.67 -20.72
C ARG D 21 -7.92 11.79 -20.01
N THR D 22 -8.40 10.82 -19.22
CA THR D 22 -7.48 9.93 -18.50
C THR D 22 -6.65 9.10 -19.46
N VAL D 23 -7.26 8.57 -20.52
CA VAL D 23 -6.52 7.79 -21.51
C VAL D 23 -5.43 8.63 -22.15
N PHE D 24 -5.75 9.87 -22.53
CA PHE D 24 -4.75 10.74 -23.13
C PHE D 24 -3.63 11.08 -22.14
N ASN D 25 -3.99 11.30 -20.87
CA ASN D 25 -2.98 11.57 -19.86
C ASN D 25 -2.06 10.37 -19.66
N ILE D 26 -2.63 9.16 -19.66
CA ILE D 26 -1.80 7.95 -19.56
C ILE D 26 -0.85 7.86 -20.74
N TYR D 27 -1.34 8.14 -21.95
CA TYR D 27 -0.49 8.11 -23.12
C TYR D 27 0.64 9.13 -23.01
N GLN D 28 0.33 10.34 -22.53
CA GLN D 28 1.37 11.36 -22.40
C GLN D 28 2.39 10.97 -21.34
N ASN D 29 1.93 10.43 -20.22
CA ASN D 29 2.87 9.99 -19.18
C ASN D 29 3.60 8.73 -19.60
N ASN D 30 3.00 7.90 -20.45
CA ASN D 30 3.73 6.76 -21.00
C ASN D 30 4.83 7.23 -21.95
N ILE D 31 4.57 8.28 -22.73
CA ILE D 31 5.60 8.79 -23.63
C ILE D 31 6.77 9.36 -22.82
N LYS D 32 6.46 10.07 -21.74
CA LYS D 32 7.54 10.63 -20.92
C LYS D 32 8.33 9.56 -20.19
N LYS D 33 7.77 8.37 -19.96
CA LYS D 33 8.52 7.30 -19.32
C LYS D 33 9.04 6.24 -20.28
N LYS D 34 8.31 5.95 -21.36
CA LYS D 34 8.76 4.96 -22.34
C LYS D 34 9.88 5.47 -23.24
N THR D 35 9.89 6.77 -23.57
CA THR D 35 10.81 7.30 -24.56
C THR D 35 11.87 8.25 -23.99
N ALA D 36 11.75 8.69 -22.75
CA ALA D 36 12.77 9.57 -22.19
C ALA D 36 14.03 8.82 -21.75
N ASN D 37 13.95 7.50 -21.62
CA ASN D 37 15.11 6.69 -21.25
C ASN D 37 15.70 5.91 -22.41
N ASN D 38 15.03 5.90 -23.55
CA ASN D 38 15.54 5.21 -24.74
C ASN D 38 16.54 6.08 -25.49
N GLU D 46 4.35 11.97 -32.31
CA GLU D 46 3.54 12.47 -31.20
C GLU D 46 2.13 12.80 -31.67
N ILE D 47 1.14 12.44 -30.87
CA ILE D 47 -0.27 12.67 -31.17
C ILE D 47 -0.76 13.78 -30.25
N CYS D 48 -1.41 14.79 -30.83
CA CYS D 48 -1.90 15.93 -30.06
C CYS D 48 -3.42 15.88 -29.98
N VAL D 49 -3.94 15.76 -28.77
CA VAL D 49 -5.37 15.77 -28.51
C VAL D 49 -5.70 16.98 -27.65
N ASN D 50 -6.63 17.81 -28.11
CA ASN D 50 -7.03 19.01 -27.40
C ASN D 50 -8.42 18.82 -26.81
N PHE D 51 -8.62 19.32 -25.60
CA PHE D 51 -9.90 19.22 -24.89
C PHE D 51 -10.42 20.63 -24.67
N ILE D 52 -11.00 21.21 -25.72
CA ILE D 52 -11.51 22.57 -25.70
C ILE D 52 -13.01 22.53 -25.41
N ASN D 53 -13.46 23.32 -24.44
CA ASN D 53 -14.87 23.34 -24.08
C ASN D 53 -15.59 24.44 -24.85
N ASP D 54 -16.57 24.06 -25.66
CA ASP D 54 -17.42 25.00 -26.38
C ASP D 54 -18.85 24.79 -25.89
N LYS D 55 -19.55 25.90 -25.65
CA LYS D 55 -20.90 25.87 -25.08
C LYS D 55 -21.94 25.25 -26.00
N THR D 56 -21.63 25.04 -27.28
CA THR D 56 -22.63 24.55 -28.22
C THR D 56 -22.73 23.05 -28.27
N VAL D 57 -22.19 22.35 -27.29
CA VAL D 57 -22.38 20.91 -27.21
C VAL D 57 -23.24 20.68 -25.97
N VAL D 58 -24.25 19.84 -26.09
CA VAL D 58 -25.30 19.76 -25.08
C VAL D 58 -24.94 18.73 -24.01
N GLU D 59 -24.84 17.46 -24.40
CA GLU D 59 -24.60 16.41 -23.43
C GLU D 59 -23.55 15.39 -23.87
N ASP D 60 -23.17 15.36 -25.14
CA ASP D 60 -22.22 14.40 -25.68
C ASP D 60 -20.92 15.12 -26.06
N ILE D 61 -20.04 14.41 -26.76
CA ILE D 61 -18.76 14.96 -27.19
C ILE D 61 -18.71 14.91 -28.72
N LYS D 62 -18.15 15.97 -29.30
CA LYS D 62 -17.89 16.03 -30.74
C LYS D 62 -16.39 16.10 -30.97
N VAL D 63 -15.89 15.25 -31.88
CA VAL D 63 -14.47 15.12 -32.14
C VAL D 63 -14.18 15.61 -33.54
N GLU D 64 -13.20 16.51 -33.67
CA GLU D 64 -12.77 17.08 -34.94
C GLU D 64 -11.39 16.57 -35.26
N PHE D 65 -11.20 16.12 -36.49
CA PHE D 65 -9.94 15.54 -36.93
C PHE D 65 -9.17 16.54 -37.78
N VAL D 66 -7.89 16.73 -37.47
CA VAL D 66 -7.04 17.66 -38.18
C VAL D 66 -5.69 17.02 -38.47
N SER D 83 -15.86 16.30 -38.98
CA SER D 83 -16.06 16.08 -37.56
C SER D 83 -17.11 15.02 -37.29
N VAL D 84 -17.08 14.44 -36.10
CA VAL D 84 -18.04 13.42 -35.69
C VAL D 84 -18.53 13.71 -34.28
N THR D 85 -19.67 13.12 -33.95
CA THR D 85 -20.26 13.21 -32.61
C THR D 85 -20.09 11.87 -31.91
N SER D 86 -19.63 11.90 -30.66
CA SER D 86 -19.38 10.69 -29.90
C SER D 86 -19.73 10.94 -28.44
N SER D 87 -19.37 9.99 -27.58
CA SER D 87 -19.55 10.12 -26.15
C SER D 87 -18.25 9.72 -25.43
N ASP D 88 -18.13 10.17 -24.19
CA ASP D 88 -16.94 9.87 -23.40
C ASP D 88 -16.75 8.37 -23.24
N LYS D 89 -17.83 7.66 -22.92
CA LYS D 89 -17.77 6.22 -22.68
C LYS D 89 -17.48 5.41 -23.94
N ILE D 90 -17.73 5.97 -25.12
CA ILE D 90 -17.57 5.23 -26.38
C ILE D 90 -16.30 5.64 -27.11
N PHE D 91 -16.01 6.94 -27.17
CA PHE D 91 -14.83 7.42 -27.91
C PHE D 91 -13.52 7.06 -27.23
N ALA D 92 -13.55 6.72 -25.93
CA ALA D 92 -12.33 6.31 -25.24
C ALA D 92 -11.75 5.04 -25.83
N ILE D 93 -12.59 4.17 -26.39
CA ILE D 93 -12.10 2.99 -27.09
C ILE D 93 -11.27 3.40 -28.30
N ASN D 94 -11.74 4.39 -29.05
CA ASN D 94 -10.99 4.87 -30.21
C ASN D 94 -9.64 5.45 -29.82
N LEU D 95 -9.61 6.21 -28.71
CA LEU D 95 -8.34 6.79 -28.26
C LEU D 95 -7.34 5.71 -27.87
N ASP D 96 -7.80 4.64 -27.22
CA ASP D 96 -6.88 3.58 -26.85
C ASP D 96 -6.27 2.94 -28.08
N PHE D 97 -7.06 2.75 -29.13
CA PHE D 97 -6.51 2.24 -30.39
C PHE D 97 -5.45 3.20 -30.95
N LEU D 98 -5.74 4.50 -30.93
CA LEU D 98 -4.81 5.47 -31.49
C LEU D 98 -3.58 5.62 -30.60
N LEU D 99 -3.78 5.70 -29.28
CA LEU D 99 -2.68 6.00 -28.36
C LEU D 99 -1.98 4.74 -27.84
N LYS D 100 -2.53 3.56 -28.11
CA LYS D 100 -1.93 2.29 -27.68
C LYS D 100 -1.60 2.30 -26.20
N THR D 101 -2.59 2.70 -25.39
CA THR D 101 -2.43 2.80 -23.94
C THR D 101 -2.61 1.45 -23.24
N ASN D 102 -2.93 0.38 -23.97
CA ASN D 102 -3.00 -0.97 -23.43
C ASN D 102 -4.14 -1.10 -22.39
N LEU D 103 -5.25 -0.40 -22.64
CA LEU D 103 -6.41 -0.48 -21.76
C LEU D 103 -7.60 -1.22 -22.38
N TYR D 104 -7.78 -1.12 -23.70
CA TYR D 104 -8.84 -1.84 -24.40
C TYR D 104 -8.30 -2.70 -25.53
N TYR D 105 -7.34 -2.19 -26.31
CA TYR D 105 -6.64 -2.97 -27.31
C TYR D 105 -5.23 -3.27 -26.81
N PHE D 106 -4.93 -4.55 -26.59
CA PHE D 106 -3.64 -4.95 -26.06
C PHE D 106 -2.65 -5.09 -27.21
N THR D 107 -1.51 -4.42 -27.09
CA THR D 107 -0.53 -4.38 -28.18
C THR D 107 0.69 -5.25 -27.96
N SER D 108 0.82 -5.89 -26.80
CA SER D 108 1.96 -6.75 -26.54
C SER D 108 1.59 -8.23 -26.55
N ASN D 116 -3.39 -13.33 -25.43
CA ASN D 116 -3.72 -13.81 -26.76
C ASN D 116 -4.94 -13.05 -27.32
N ILE D 117 -5.03 -13.01 -28.65
CA ILE D 117 -6.07 -12.23 -29.31
C ILE D 117 -7.46 -12.70 -28.92
N ILE D 118 -7.67 -14.01 -28.81
CA ILE D 118 -8.99 -14.54 -28.47
C ILE D 118 -9.43 -14.05 -27.09
N THR D 119 -8.49 -13.98 -26.14
CA THR D 119 -8.82 -13.43 -24.83
C THR D 119 -9.14 -11.94 -24.90
N ASN D 120 -8.43 -11.20 -25.77
CA ASN D 120 -8.67 -9.77 -25.90
C ASN D 120 -10.10 -9.49 -26.36
N VAL D 121 -10.59 -10.25 -27.34
CA VAL D 121 -11.96 -10.04 -27.82
C VAL D 121 -12.96 -10.26 -26.70
N PHE D 122 -12.70 -11.24 -25.83
CA PHE D 122 -13.60 -11.51 -24.72
C PHE D 122 -13.72 -10.31 -23.78
N PHE D 123 -12.62 -9.59 -23.58
CA PHE D 123 -12.76 -8.41 -22.71
C PHE D 123 -13.60 -7.38 -23.44
N GLN D 124 -13.23 -7.14 -24.68
CA GLN D 124 -13.90 -6.05 -25.40
C GLN D 124 -15.41 -6.15 -25.29
N ALA D 125 -15.95 -7.37 -25.34
CA ALA D 125 -17.37 -7.56 -25.12
C ALA D 125 -17.75 -7.28 -23.66
N GLN D 126 -16.85 -7.57 -22.71
CA GLN D 126 -17.15 -7.28 -21.31
C GLN D 126 -17.26 -5.78 -21.05
N TYR D 127 -16.41 -4.99 -21.69
CA TYR D 127 -16.50 -3.54 -21.55
C TYR D 127 -17.85 -3.03 -22.09
N ASN D 128 -18.33 -3.61 -23.19
CA ASN D 128 -19.64 -3.25 -23.71
C ASN D 128 -20.75 -3.61 -22.72
N GLU D 129 -20.57 -4.67 -21.93
CA GLU D 129 -21.54 -5.01 -20.90
C GLU D 129 -21.64 -3.92 -19.85
N TRP D 130 -20.50 -3.36 -19.45
CA TRP D 130 -20.51 -2.27 -18.47
C TRP D 130 -21.17 -1.02 -19.03
N ILE D 131 -20.95 -0.75 -20.33
CA ILE D 131 -21.62 0.39 -20.96
C ILE D 131 -23.12 0.18 -20.97
N ASP D 132 -23.57 -1.01 -21.36
CA ASP D 132 -24.99 -1.29 -21.43
C ASP D 132 -25.64 -1.32 -20.06
N PHE D 133 -24.88 -1.73 -19.03
CA PHE D 133 -25.45 -1.78 -17.69
C PHE D 133 -25.83 -0.39 -17.18
N LEU D 134 -25.13 0.64 -17.62
CA LEU D 134 -25.46 2.01 -17.24
C LEU D 134 -26.11 2.77 -18.39
N ARG D 135 -26.41 2.10 -19.50
CA ARG D 135 -27.02 2.73 -20.67
C ARG D 135 -28.49 2.97 -20.42
N ASN D 136 -28.89 4.25 -20.42
CA ASN D 136 -30.27 4.68 -20.20
C ASN D 136 -30.78 4.29 -18.81
N LYS D 137 -29.88 4.18 -17.84
CA LYS D 137 -30.24 3.98 -16.44
C LYS D 137 -29.89 5.22 -15.64
N ASP D 138 -30.84 5.68 -14.82
CA ASP D 138 -30.60 6.81 -13.93
C ASP D 138 -29.60 6.39 -12.87
N ILE D 139 -28.39 6.96 -12.90
CA ILE D 139 -27.35 6.54 -11.97
C ILE D 139 -27.74 6.88 -10.54
N GLU D 140 -28.26 8.08 -10.32
CA GLU D 140 -28.66 8.48 -8.96
C GLU D 140 -29.87 7.69 -8.47
N LYS D 141 -30.87 7.50 -9.33
CA LYS D 141 -32.10 6.82 -8.90
C LYS D 141 -31.87 5.32 -8.71
N ASN D 142 -31.04 4.71 -9.54
CA ASN D 142 -30.79 3.28 -9.48
C ASN D 142 -29.42 2.96 -8.87
N ILE D 143 -28.93 3.82 -7.99
CA ILE D 143 -27.59 3.64 -7.45
C ILE D 143 -27.51 2.38 -6.60
N ILE D 144 -28.57 2.06 -5.86
CA ILE D 144 -28.56 0.90 -4.99
C ILE D 144 -28.50 -0.37 -5.84
N PRO D 145 -29.38 -0.57 -6.84
CA PRO D 145 -29.22 -1.75 -7.69
C PRO D 145 -27.89 -1.79 -8.43
N ILE D 146 -27.34 -0.64 -8.80
CA ILE D 146 -26.04 -0.61 -9.46
C ILE D 146 -24.94 -1.05 -8.50
N CYS D 147 -24.96 -0.54 -7.26
CA CYS D 147 -23.88 -0.84 -6.32
C CYS D 147 -23.87 -2.30 -5.91
N GLU D 148 -25.04 -2.92 -5.71
CA GLU D 148 -25.07 -4.33 -5.34
C GLU D 148 -24.50 -5.21 -6.45
N HIS D 149 -24.74 -4.84 -7.71
CA HIS D 149 -24.20 -5.62 -8.82
C HIS D 149 -22.67 -5.49 -8.88
N ILE D 150 -22.16 -4.27 -8.71
CA ILE D 150 -20.71 -4.08 -8.73
C ILE D 150 -20.07 -4.74 -7.52
N ASN D 151 -20.74 -4.67 -6.36
CA ASN D 151 -20.18 -5.23 -5.13
C ASN D 151 -19.99 -6.75 -5.23
N LYS D 152 -20.98 -7.45 -5.78
CA LYS D 152 -20.86 -8.90 -5.93
C LYS D 152 -19.75 -9.27 -6.90
N HIS D 153 -19.57 -8.48 -7.95
CA HIS D 153 -18.52 -8.76 -8.93
C HIS D 153 -17.13 -8.66 -8.28
N LEU D 154 -16.94 -7.68 -7.40
CA LEU D 154 -15.66 -7.44 -6.75
C LEU D 154 -15.46 -8.29 -5.50
N TYR D 155 -16.39 -9.20 -5.20
CA TYR D 155 -16.27 -10.04 -4.01
C TYR D 155 -15.04 -10.94 -4.06
N LEU D 156 -14.81 -11.60 -5.19
CA LEU D 156 -13.62 -12.43 -5.37
C LEU D 156 -12.71 -11.92 -6.49
N ASN D 157 -12.98 -10.73 -7.03
CA ASN D 157 -12.19 -10.16 -8.11
C ASN D 157 -11.59 -8.84 -7.66
N THR D 158 -10.30 -8.67 -7.92
CA THR D 158 -9.62 -7.42 -7.60
C THR D 158 -9.99 -6.32 -8.58
N PHE D 159 -9.99 -6.64 -9.87
CA PHE D 159 -10.37 -5.70 -10.92
C PHE D 159 -11.68 -6.15 -11.56
N LEU D 160 -12.35 -5.18 -12.21
CA LEU D 160 -13.62 -5.47 -12.85
C LEU D 160 -13.45 -6.49 -13.97
N SER D 161 -12.38 -6.38 -14.75
CA SER D 161 -12.08 -7.32 -15.81
C SER D 161 -10.67 -7.88 -15.60
N PHE D 162 -10.57 -9.20 -15.56
CA PHE D 162 -9.28 -9.91 -15.46
C PHE D 162 -8.60 -9.48 -14.15
N HIS D 163 -7.27 -9.55 -14.11
CA HIS D 163 -6.50 -9.26 -12.91
C HIS D 163 -5.61 -8.04 -13.08
N TYR D 164 -5.93 -7.15 -14.02
CA TYR D 164 -5.13 -5.96 -14.26
C TYR D 164 -6.04 -4.80 -14.64
N LEU D 165 -5.51 -3.58 -14.51
CA LEU D 165 -6.27 -2.39 -14.85
C LEU D 165 -6.70 -2.42 -16.31
N THR D 166 -7.98 -2.15 -16.55
CA THR D 166 -8.56 -2.13 -17.88
C THR D 166 -9.42 -0.89 -18.04
N LEU D 167 -9.92 -0.69 -19.26
CA LEU D 167 -10.80 0.45 -19.52
C LEU D 167 -12.10 0.33 -18.74
N SER D 168 -12.52 -0.89 -18.43
CA SER D 168 -13.73 -1.07 -17.62
C SER D 168 -13.57 -0.47 -16.23
N ASP D 169 -12.39 -0.66 -15.62
CA ASP D 169 -12.17 -0.14 -14.27
C ASP D 169 -12.25 1.39 -14.24
N ILE D 170 -11.64 2.05 -15.23
CA ILE D 170 -11.59 3.51 -15.21
C ILE D 170 -12.96 4.11 -15.48
N TYR D 171 -13.71 3.53 -16.41
CA TYR D 171 -15.04 4.06 -16.72
C TYR D 171 -15.98 3.98 -15.53
N ILE D 172 -16.04 2.81 -14.88
CA ILE D 172 -16.89 2.65 -13.70
C ILE D 172 -16.36 3.49 -12.55
N TYR D 173 -15.04 3.71 -12.49
CA TYR D 173 -14.47 4.53 -11.43
C TYR D 173 -15.05 5.94 -11.44
N TYR D 174 -15.15 6.55 -12.61
CA TYR D 174 -15.68 7.91 -12.71
C TYR D 174 -17.19 7.94 -12.51
N GLU D 175 -17.88 6.86 -12.89
CA GLU D 175 -19.32 6.78 -12.65
C GLU D 175 -19.62 6.68 -11.16
N MET D 176 -18.78 5.95 -10.42
CA MET D 176 -18.93 5.79 -8.98
C MET D 176 -18.17 6.85 -8.18
N HIS D 177 -17.49 7.78 -8.85
CA HIS D 177 -16.60 8.70 -8.14
C HIS D 177 -17.35 9.60 -7.17
N LYS D 178 -18.49 10.15 -7.59
CA LYS D 178 -19.22 11.06 -6.72
C LYS D 178 -19.80 10.36 -5.49
N TYR D 179 -19.90 9.04 -5.51
CA TYR D 179 -20.50 8.31 -4.40
C TYR D 179 -19.47 7.73 -3.43
N PHE D 180 -18.23 7.53 -3.87
CA PHE D 180 -17.22 6.88 -3.05
C PHE D 180 -16.00 7.74 -2.78
N SER D 181 -15.85 8.89 -3.44
CA SER D 181 -14.70 9.75 -3.18
C SER D 181 -14.74 10.37 -1.79
N GLY D 182 -15.92 10.43 -1.16
CA GLY D 182 -16.06 11.05 0.14
C GLY D 182 -16.12 12.55 0.13
N ASN D 183 -16.15 13.19 -1.04
CA ASN D 183 -16.25 14.64 -1.11
C ASN D 183 -17.62 15.12 -0.63
N ILE D 184 -18.68 14.45 -1.09
CA ILE D 184 -20.04 14.80 -0.67
C ILE D 184 -20.34 14.07 0.63
N THR D 185 -20.65 14.84 1.68
CA THR D 185 -20.89 14.24 2.99
C THR D 185 -22.12 13.34 2.99
N THR D 186 -23.13 13.68 2.18
CA THR D 186 -24.32 12.85 2.10
C THR D 186 -24.05 11.49 1.47
N ASN D 187 -22.98 11.37 0.69
CA ASN D 187 -22.64 10.14 0.00
C ASN D 187 -21.65 9.29 0.78
N LEU D 188 -21.35 9.65 2.03
CA LEU D 188 -20.40 8.88 2.83
C LEU D 188 -20.93 7.51 3.24
N LYS D 189 -22.23 7.26 3.10
CA LYS D 189 -22.78 5.97 3.47
C LYS D 189 -22.45 4.87 2.46
N TYR D 190 -22.28 5.22 1.19
CA TYR D 190 -22.04 4.20 0.17
C TYR D 190 -20.73 3.45 0.37
N PRO D 191 -19.59 4.10 0.64
CA PRO D 191 -18.37 3.32 0.91
C PRO D 191 -18.51 2.38 2.09
N LYS D 192 -19.30 2.75 3.10
CA LYS D 192 -19.47 1.93 4.28
C LYS D 192 -20.28 0.68 3.97
N GLN D 193 -21.34 0.81 3.16
CA GLN D 193 -22.24 -0.31 2.91
C GLN D 193 -21.62 -1.34 1.98
N TYR D 194 -20.80 -0.91 1.02
CA TYR D 194 -20.22 -1.80 0.01
C TYR D 194 -18.70 -1.73 0.12
N LYS D 195 -18.13 -2.62 0.95
CA LYS D 195 -16.69 -2.57 1.21
C LYS D 195 -15.86 -3.00 0.00
N ASN D 196 -16.34 -3.98 -0.78
CA ASN D 196 -15.55 -4.42 -1.92
C ASN D 196 -15.40 -3.33 -2.97
N ILE D 197 -16.48 -2.57 -3.22
CA ILE D 197 -16.36 -1.42 -4.11
C ILE D 197 -15.41 -0.39 -3.53
N ASN D 198 -15.51 -0.13 -2.23
CA ASN D 198 -14.60 0.82 -1.59
C ASN D 198 -13.16 0.36 -1.69
N ARG D 199 -12.91 -0.93 -1.51
CA ARG D 199 -11.56 -1.47 -1.70
C ARG D 199 -11.09 -1.26 -3.13
N TRP D 200 -11.90 -1.67 -4.10
CA TRP D 200 -11.54 -1.52 -5.51
C TRP D 200 -11.39 -0.06 -5.90
N PHE D 201 -12.25 0.81 -5.36
CA PHE D 201 -12.18 2.24 -5.69
C PHE D 201 -10.85 2.84 -5.24
N ARG D 202 -10.39 2.50 -4.03
CA ARG D 202 -9.12 3.01 -3.52
C ARG D 202 -7.95 2.55 -4.39
N LEU D 203 -7.99 1.29 -4.84
CA LEU D 203 -6.94 0.77 -5.70
C LEU D 203 -6.86 1.54 -7.02
N ILE D 204 -8.01 1.71 -7.68
CA ILE D 204 -8.04 2.42 -8.96
C ILE D 204 -7.63 3.88 -8.77
N LYS D 205 -8.06 4.47 -7.65
CA LYS D 205 -7.66 5.84 -7.34
C LYS D 205 -6.15 5.95 -7.20
N ALA D 206 -5.53 4.98 -6.51
CA ALA D 206 -4.07 5.01 -6.36
C ALA D 206 -3.38 4.81 -7.70
N LEU D 207 -3.91 3.92 -8.54
CA LEU D 207 -3.30 3.70 -9.86
C LEU D 207 -3.41 4.95 -10.72
N LEU D 208 -4.55 5.65 -10.65
CA LEU D 208 -4.75 6.85 -11.44
C LEU D 208 -4.09 8.09 -10.83
N HIS D 209 -3.50 7.97 -9.64
CA HIS D 209 -2.97 9.15 -8.96
C HIS D 209 -1.86 9.82 -9.77
N ASP D 210 -0.99 9.02 -10.39
CA ASP D 210 0.12 9.55 -11.15
C ASP D 210 -0.30 10.23 -12.45
N HIS D 211 -1.56 10.10 -12.86
CA HIS D 211 -2.02 10.63 -14.13
C HIS D 211 -3.10 11.69 -14.04
N VAL D 212 -3.83 11.78 -12.91
CA VAL D 212 -4.95 12.71 -12.82
C VAL D 212 -4.78 13.77 -11.74
N ALA D 213 -3.97 13.51 -10.70
CA ALA D 213 -3.87 14.47 -9.60
C ALA D 213 -3.09 15.71 -10.00
N THR D 214 -2.28 15.63 -11.05
CA THR D 214 -1.48 16.75 -11.55
C THR D 214 -2.12 17.45 -12.73
N ASP D 215 -3.25 16.95 -13.22
CA ASP D 215 -3.85 17.49 -14.44
C ASP D 215 -4.29 18.94 -14.25
N ALA D 216 -4.92 19.25 -13.11
CA ALA D 216 -5.35 20.60 -12.74
C ALA D 216 -6.46 21.12 -13.64
N GLU D 217 -6.79 20.37 -14.69
CA GLU D 217 -7.98 20.60 -15.50
C GLU D 217 -9.03 19.52 -15.27
N LEU D 218 -8.62 18.25 -15.22
CA LEU D 218 -9.53 17.19 -14.78
C LEU D 218 -9.97 17.41 -13.34
N ILE D 219 -9.03 17.82 -12.47
CA ILE D 219 -9.37 18.10 -11.09
C ILE D 219 -10.36 19.27 -11.01
N GLN D 220 -10.13 20.30 -11.83
CA GLN D 220 -11.04 21.45 -11.84
C GLN D 220 -12.46 21.03 -12.20
N ASN D 221 -12.61 20.21 -13.24
CA ASN D 221 -13.92 19.71 -13.62
C ASN D 221 -14.45 18.63 -12.69
N LEU D 222 -13.55 17.89 -12.03
CA LEU D 222 -13.97 16.84 -11.10
C LEU D 222 -14.73 17.40 -9.91
N LYS D 223 -14.25 18.51 -9.34
CA LYS D 223 -14.91 19.09 -8.17
C LYS D 223 -16.29 19.65 -8.51
N VAL D 224 -16.47 20.17 -9.72
CA VAL D 224 -17.76 20.73 -10.10
C VAL D 224 -18.85 19.67 -10.04
N LYS D 225 -18.55 18.45 -10.49
CA LYS D 225 -19.52 17.37 -10.43
C LYS D 225 -19.69 16.88 -8.99
N ILE E 8 -15.43 -20.71 -30.73
CA ILE E 8 -16.37 -19.67 -30.31
C ILE E 8 -17.78 -20.03 -30.75
N ASN E 9 -18.71 -20.00 -29.80
CA ASN E 9 -20.12 -20.32 -30.05
C ASN E 9 -20.95 -19.06 -29.85
N ILE E 10 -21.78 -18.75 -30.85
CA ILE E 10 -22.65 -17.58 -30.81
C ILE E 10 -24.08 -18.06 -30.76
N TYR E 11 -24.79 -17.73 -29.68
CA TYR E 11 -26.16 -18.19 -29.45
C TYR E 11 -27.15 -17.07 -29.76
N TYR E 12 -28.08 -17.33 -30.67
CA TYR E 12 -29.06 -16.34 -31.07
C TYR E 12 -30.46 -16.93 -30.95
N GLY E 13 -31.47 -16.06 -31.02
CA GLY E 13 -32.86 -16.54 -31.03
C GLY E 13 -33.63 -15.85 -32.14
N LYS E 14 -34.60 -15.01 -31.78
CA LYS E 14 -35.41 -14.29 -32.79
C LYS E 14 -34.55 -13.36 -33.63
N ASN E 15 -33.60 -12.65 -33.03
CA ASN E 15 -32.84 -11.64 -33.81
C ASN E 15 -31.62 -12.30 -34.48
N TYR E 16 -31.84 -12.93 -35.62
CA TYR E 16 -30.76 -13.60 -36.35
C TYR E 16 -29.60 -12.64 -36.55
N PRO E 17 -28.37 -13.07 -36.29
CA PRO E 17 -27.19 -12.20 -36.49
C PRO E 17 -26.74 -12.11 -37.94
N PHE E 18 -27.47 -11.32 -38.74
CA PHE E 18 -27.13 -11.18 -40.15
C PHE E 18 -25.76 -10.52 -40.32
N LEU E 19 -25.48 -9.48 -39.54
CA LEU E 19 -24.22 -8.77 -39.65
C LEU E 19 -23.04 -9.66 -39.28
N CYS E 20 -23.16 -10.39 -38.16
CA CYS E 20 -22.08 -11.28 -37.73
C CYS E 20 -21.87 -12.42 -38.72
N ARG E 21 -22.96 -12.99 -39.23
CA ARG E 21 -22.85 -14.08 -40.22
C ARG E 21 -22.16 -13.62 -41.49
N THR E 22 -22.52 -12.42 -41.98
CA THR E 22 -21.90 -11.90 -43.20
C THR E 22 -20.40 -11.67 -42.99
N VAL E 23 -20.02 -11.12 -41.84
CA VAL E 23 -18.61 -10.92 -41.53
C VAL E 23 -17.89 -12.25 -41.50
N PHE E 24 -18.49 -13.26 -40.86
CA PHE E 24 -17.87 -14.58 -40.80
C PHE E 24 -17.80 -15.22 -42.18
N ASN E 25 -18.84 -15.04 -42.99
CA ASN E 25 -18.84 -15.61 -44.34
C ASN E 25 -17.75 -14.98 -45.20
N ILE E 26 -17.54 -13.67 -45.07
CA ILE E 26 -16.45 -13.00 -45.77
C ILE E 26 -15.12 -13.59 -45.34
N TYR E 27 -14.94 -13.82 -44.04
CA TYR E 27 -13.74 -14.44 -43.53
C TYR E 27 -13.54 -15.84 -44.12
N GLN E 28 -14.62 -16.61 -44.25
CA GLN E 28 -14.51 -17.96 -44.78
C GLN E 28 -14.03 -17.96 -46.23
N ASN E 29 -14.56 -17.06 -47.06
CA ASN E 29 -14.13 -17.00 -48.45
C ASN E 29 -12.73 -16.43 -48.60
N ASN E 30 -12.29 -15.57 -47.67
CA ASN E 30 -10.93 -15.07 -47.70
C ASN E 30 -9.91 -16.17 -47.38
N ILE E 31 -10.25 -17.06 -46.47
CA ILE E 31 -9.35 -18.16 -46.11
C ILE E 31 -9.16 -19.11 -47.29
N LYS E 32 -10.22 -19.36 -48.05
CA LYS E 32 -10.16 -20.33 -49.15
C LYS E 32 -9.21 -19.89 -50.27
N LYS E 33 -8.94 -18.60 -50.42
CA LYS E 33 -8.00 -18.14 -51.44
C LYS E 33 -6.61 -17.83 -50.90
N LYS E 34 -6.49 -17.53 -49.60
CA LYS E 34 -5.18 -17.28 -49.01
C LYS E 34 -4.33 -18.53 -49.01
N THR E 35 -4.66 -19.49 -48.16
CA THR E 35 -3.84 -20.69 -47.98
C THR E 35 -4.02 -21.73 -49.08
N ALA E 36 -5.13 -21.71 -49.83
CA ALA E 36 -5.34 -22.70 -50.89
C ALA E 36 -4.97 -22.18 -52.27
N ASN E 37 -5.43 -20.99 -52.62
CA ASN E 37 -5.06 -20.37 -53.89
C ASN E 37 -3.73 -19.63 -53.77
N GLU E 46 -6.33 -21.31 -37.17
CA GLU E 46 -7.62 -21.19 -37.83
C GLU E 46 -8.73 -21.26 -36.79
N ILE E 47 -9.72 -20.38 -36.90
CA ILE E 47 -10.80 -20.24 -35.92
C ILE E 47 -12.11 -20.74 -36.52
N CYS E 48 -12.84 -21.54 -35.74
CA CYS E 48 -14.15 -22.05 -36.13
C CYS E 48 -15.19 -21.32 -35.27
N VAL E 49 -16.11 -20.62 -35.92
CA VAL E 49 -17.15 -19.84 -35.26
C VAL E 49 -18.50 -20.48 -35.54
N ASN E 50 -19.26 -20.75 -34.48
CA ASN E 50 -20.54 -21.43 -34.57
C ASN E 50 -21.70 -20.45 -34.34
N PHE E 51 -22.79 -20.68 -35.08
CA PHE E 51 -24.01 -19.87 -35.03
C PHE E 51 -25.21 -20.72 -34.64
N ILE E 52 -25.19 -21.27 -33.43
CA ILE E 52 -26.22 -22.20 -32.95
C ILE E 52 -27.35 -21.41 -32.33
N ASN E 53 -28.58 -21.82 -32.64
CA ASN E 53 -29.81 -21.12 -32.26
C ASN E 53 -30.31 -21.54 -30.89
N ASP E 54 -30.48 -20.56 -30.00
CA ASP E 54 -31.04 -20.76 -28.66
C ASP E 54 -32.39 -20.04 -28.59
N LYS E 55 -33.40 -20.73 -28.07
CA LYS E 55 -34.74 -20.15 -28.07
C LYS E 55 -34.89 -19.01 -27.06
N THR E 56 -34.07 -18.97 -26.01
CA THR E 56 -34.25 -18.02 -24.91
C THR E 56 -33.33 -16.80 -25.04
N VAL E 57 -33.61 -15.94 -26.01
CA VAL E 57 -32.97 -14.62 -26.12
C VAL E 57 -34.05 -13.56 -26.29
N VAL E 58 -33.86 -12.41 -25.64
CA VAL E 58 -34.92 -11.39 -25.63
C VAL E 58 -34.75 -10.48 -26.85
N GLU E 59 -33.65 -9.73 -26.92
CA GLU E 59 -33.41 -8.83 -28.05
C GLU E 59 -31.99 -8.85 -28.57
N ASP E 60 -31.01 -9.29 -27.78
CA ASP E 60 -29.61 -9.27 -28.16
C ASP E 60 -29.09 -10.69 -28.34
N ILE E 61 -27.77 -10.81 -28.50
CA ILE E 61 -27.12 -12.08 -28.78
C ILE E 61 -26.17 -12.45 -27.64
N LYS E 62 -26.07 -13.76 -27.38
CA LYS E 62 -25.15 -14.29 -26.37
C LYS E 62 -24.03 -15.06 -27.03
N VAL E 63 -22.79 -14.75 -26.65
CA VAL E 63 -21.59 -15.30 -27.26
C VAL E 63 -20.85 -16.14 -26.23
N GLU E 64 -20.48 -17.37 -26.60
CA GLU E 64 -19.73 -18.28 -25.75
C GLU E 64 -18.34 -18.47 -26.34
N PHE E 65 -17.32 -18.34 -25.49
CA PHE E 65 -15.93 -18.46 -25.92
C PHE E 65 -15.36 -19.80 -25.45
N VAL E 66 -14.80 -20.56 -26.38
CA VAL E 66 -14.19 -21.84 -26.05
C VAL E 66 -12.90 -22.02 -26.86
N ASN E 82 -16.12 -18.89 -19.84
CA ASN E 82 -17.27 -18.06 -19.53
C ASN E 82 -18.03 -17.66 -20.79
N SER E 83 -18.91 -16.66 -20.65
CA SER E 83 -19.69 -16.15 -21.76
C SER E 83 -20.09 -14.72 -21.46
N VAL E 84 -20.42 -13.98 -22.52
CA VAL E 84 -20.85 -12.59 -22.40
C VAL E 84 -22.07 -12.38 -23.28
N THR E 85 -22.79 -11.29 -22.98
CA THR E 85 -23.95 -10.87 -23.75
C THR E 85 -23.57 -9.63 -24.56
N SER E 86 -23.90 -9.66 -25.85
CA SER E 86 -23.58 -8.57 -26.77
C SER E 86 -24.73 -8.42 -27.74
N SER E 87 -24.54 -7.63 -28.80
CA SER E 87 -25.55 -7.47 -29.83
C SER E 87 -24.92 -7.66 -31.20
N ASP E 88 -25.78 -7.98 -32.18
CA ASP E 88 -25.32 -8.20 -33.54
C ASP E 88 -24.65 -6.95 -34.10
N LYS E 89 -25.27 -5.78 -33.87
CA LYS E 89 -24.74 -4.53 -34.41
C LYS E 89 -23.40 -4.14 -33.79
N ILE E 90 -23.10 -4.63 -32.60
CA ILE E 90 -21.89 -4.24 -31.89
C ILE E 90 -20.82 -5.33 -31.93
N PHE E 91 -21.21 -6.60 -31.77
CA PHE E 91 -20.24 -7.69 -31.74
C PHE E 91 -19.59 -7.94 -33.09
N ALA E 92 -20.17 -7.44 -34.18
CA ALA E 92 -19.55 -7.58 -35.48
C ALA E 92 -18.20 -6.86 -35.53
N ILE E 93 -18.04 -5.79 -34.74
CA ILE E 93 -16.75 -5.13 -34.63
C ILE E 93 -15.70 -6.09 -34.07
N ASN E 94 -16.07 -6.84 -33.02
CA ASN E 94 -15.15 -7.81 -32.45
C ASN E 94 -14.79 -8.90 -33.45
N LEU E 95 -15.77 -9.36 -34.24
CA LEU E 95 -15.49 -10.41 -35.22
C LEU E 95 -14.51 -9.93 -36.28
N ASP E 96 -14.66 -8.69 -36.75
CA ASP E 96 -13.72 -8.16 -37.73
C ASP E 96 -12.31 -8.07 -37.14
N PHE E 97 -12.21 -7.71 -35.86
CA PHE E 97 -10.91 -7.71 -35.19
C PHE E 97 -10.32 -9.12 -35.17
N LEU E 98 -11.14 -10.11 -34.84
CA LEU E 98 -10.66 -11.49 -34.76
C LEU E 98 -10.36 -12.07 -36.14
N LEU E 99 -11.26 -11.84 -37.11
CA LEU E 99 -11.16 -12.47 -38.42
C LEU E 99 -10.39 -11.64 -39.44
N LYS E 100 -10.03 -10.39 -39.13
CA LYS E 100 -9.31 -9.52 -40.06
C LYS E 100 -10.00 -9.46 -41.42
N THR E 101 -11.30 -9.20 -41.40
CA THR E 101 -12.08 -9.12 -42.63
C THR E 101 -11.94 -7.77 -43.32
N ASN E 102 -11.21 -6.82 -42.72
CA ASN E 102 -10.90 -5.54 -43.34
C ASN E 102 -12.17 -4.72 -43.56
N LEU E 103 -13.12 -4.84 -42.64
CA LEU E 103 -14.37 -4.10 -42.70
C LEU E 103 -14.47 -3.01 -41.65
N TYR E 104 -13.90 -3.20 -40.48
CA TYR E 104 -13.87 -2.19 -39.42
C TYR E 104 -12.46 -1.85 -38.97
N TYR E 105 -11.60 -2.85 -38.84
CA TYR E 105 -10.18 -2.64 -38.58
C TYR E 105 -9.41 -2.89 -39.88
N PHE E 106 -8.71 -1.88 -40.36
CA PHE E 106 -8.08 -1.95 -41.67
C PHE E 106 -6.76 -2.69 -41.59
N THR E 107 -6.60 -3.69 -42.45
CA THR E 107 -5.40 -4.53 -42.46
C THR E 107 -4.50 -4.19 -43.64
N ARG E 115 -1.14 10.34 -41.66
CA ARG E 115 -1.22 8.98 -41.13
C ARG E 115 -2.56 8.34 -41.45
N ASN E 116 -2.52 7.14 -42.04
CA ASN E 116 -3.74 6.41 -42.32
C ASN E 116 -4.43 5.91 -41.06
N ILE E 117 -3.69 5.79 -39.95
CA ILE E 117 -4.28 5.28 -38.71
C ILE E 117 -5.38 6.21 -38.22
N ILE E 118 -5.15 7.52 -38.29
CA ILE E 118 -6.15 8.49 -37.86
C ILE E 118 -7.42 8.38 -38.71
N THR E 119 -7.25 8.09 -40.00
CA THR E 119 -8.40 7.89 -40.88
C THR E 119 -9.23 6.69 -40.42
N ASN E 120 -8.58 5.63 -39.96
CA ASN E 120 -9.31 4.48 -39.45
C ASN E 120 -10.19 4.85 -38.27
N VAL E 121 -9.65 5.64 -37.33
CA VAL E 121 -10.42 6.06 -36.17
C VAL E 121 -11.63 6.89 -36.59
N PHE E 122 -11.47 7.72 -37.63
CA PHE E 122 -12.57 8.54 -38.10
C PHE E 122 -13.73 7.68 -38.58
N PHE E 123 -13.45 6.59 -39.28
CA PHE E 123 -14.51 5.68 -39.69
C PHE E 123 -15.17 5.02 -38.48
N GLN E 124 -14.36 4.61 -37.50
CA GLN E 124 -14.90 3.93 -36.33
C GLN E 124 -15.92 4.79 -35.60
N ALA E 125 -15.66 6.10 -35.51
CA ALA E 125 -16.65 7.01 -34.95
C ALA E 125 -17.87 7.13 -35.86
N GLN E 126 -17.67 7.06 -37.18
CA GLN E 126 -18.80 7.13 -38.11
C GLN E 126 -19.69 5.90 -37.96
N TYR E 127 -19.10 4.72 -37.77
CA TYR E 127 -19.91 3.53 -37.53
C TYR E 127 -20.73 3.67 -36.27
N ASN E 128 -20.15 4.26 -35.22
CA ASN E 128 -20.91 4.50 -34.00
C ASN E 128 -22.03 5.51 -34.24
N GLU E 129 -21.80 6.41 -35.19
CA GLU E 129 -22.88 7.38 -35.53
C GLU E 129 -24.04 6.55 -36.05
N TRP E 130 -23.76 5.72 -37.05
CA TRP E 130 -24.84 4.95 -37.67
C TRP E 130 -25.54 4.08 -36.64
N ILE E 131 -24.78 3.52 -35.69
CA ILE E 131 -25.40 2.75 -34.61
C ILE E 131 -26.31 3.64 -33.78
N ASP E 132 -25.83 4.84 -33.42
CA ASP E 132 -26.61 5.73 -32.58
C ASP E 132 -27.87 6.25 -33.29
N PHE E 133 -27.80 6.47 -34.60
CA PHE E 133 -28.98 6.95 -35.32
C PHE E 133 -30.09 5.90 -35.34
N LEU E 134 -29.70 4.62 -35.34
CA LEU E 134 -30.62 3.49 -35.32
C LEU E 134 -30.63 2.78 -33.96
N ARG E 135 -30.10 3.43 -32.93
CA ARG E 135 -29.95 2.79 -31.62
C ARG E 135 -31.29 2.55 -30.95
N ASN E 136 -31.83 1.34 -31.09
CA ASN E 136 -33.10 0.96 -30.47
C ASN E 136 -34.21 1.93 -30.86
N LYS E 137 -34.16 2.40 -32.09
CA LYS E 137 -35.12 3.35 -32.64
C LYS E 137 -36.09 2.57 -33.52
N ASP E 138 -37.39 2.85 -33.37
CA ASP E 138 -38.40 2.12 -34.13
C ASP E 138 -38.26 2.38 -35.62
N ILE E 139 -37.81 1.35 -36.35
CA ILE E 139 -37.55 1.49 -37.79
C ILE E 139 -38.85 1.73 -38.53
N GLU E 140 -39.90 0.99 -38.20
CA GLU E 140 -41.18 1.14 -38.90
C GLU E 140 -41.79 2.51 -38.62
N LYS E 141 -41.71 2.98 -37.38
CA LYS E 141 -42.33 4.25 -37.02
C LYS E 141 -41.59 5.42 -37.67
N ASN E 142 -40.27 5.34 -37.75
CA ASN E 142 -39.44 6.40 -38.31
C ASN E 142 -38.88 6.03 -39.69
N ILE E 143 -39.61 5.21 -40.44
CA ILE E 143 -39.08 4.72 -41.72
C ILE E 143 -38.88 5.86 -42.71
N ILE E 144 -39.79 6.84 -42.70
CA ILE E 144 -39.70 7.96 -43.64
C ILE E 144 -38.50 8.84 -43.29
N PRO E 145 -38.36 9.35 -42.05
CA PRO E 145 -37.17 10.16 -41.74
C PRO E 145 -35.85 9.41 -41.89
N ILE E 146 -35.82 8.10 -41.63
CA ILE E 146 -34.58 7.34 -41.80
C ILE E 146 -34.16 7.32 -43.27
N CYS E 147 -35.11 7.02 -44.16
CA CYS E 147 -34.79 6.95 -45.57
C CYS E 147 -34.42 8.33 -46.13
N GLU E 148 -35.09 9.38 -45.65
CA GLU E 148 -34.78 10.73 -46.10
C GLU E 148 -33.36 11.12 -45.73
N HIS E 149 -32.91 10.72 -44.54
CA HIS E 149 -31.55 11.04 -44.12
C HIS E 149 -30.53 10.24 -44.94
N ILE E 150 -30.80 8.95 -45.17
CA ILE E 150 -29.87 8.12 -45.92
C ILE E 150 -29.78 8.59 -47.38
N ASN E 151 -30.91 8.99 -47.96
CA ASN E 151 -30.91 9.43 -49.35
C ASN E 151 -30.06 10.68 -49.55
N LYS E 152 -30.16 11.65 -48.63
CA LYS E 152 -29.34 12.85 -48.75
C LYS E 152 -27.86 12.53 -48.61
N HIS E 153 -27.52 11.60 -47.72
CA HIS E 153 -26.12 11.20 -47.57
C HIS E 153 -25.58 10.52 -48.82
N LEU E 154 -26.38 9.65 -49.43
CA LEU E 154 -25.93 8.89 -50.60
C LEU E 154 -26.13 9.63 -51.92
N TYR E 155 -26.65 10.86 -51.88
CA TYR E 155 -26.84 11.62 -53.11
C TYR E 155 -25.49 11.93 -53.75
N LEU E 156 -24.49 12.29 -52.93
CA LEU E 156 -23.14 12.53 -53.40
C LEU E 156 -22.13 11.51 -52.86
N ASN E 157 -22.59 10.45 -52.20
CA ASN E 157 -21.72 9.42 -51.65
C ASN E 157 -22.08 8.06 -52.23
N THR E 158 -21.07 7.31 -52.67
CA THR E 158 -21.30 5.96 -53.15
C THR E 158 -21.50 4.97 -51.99
N PHE E 159 -20.63 5.05 -50.99
CA PHE E 159 -20.71 4.24 -49.79
C PHE E 159 -21.03 5.11 -48.60
N LEU E 160 -21.55 4.48 -47.54
CA LEU E 160 -21.88 5.21 -46.33
C LEU E 160 -20.64 5.85 -45.72
N SER E 161 -19.53 5.10 -45.70
CA SER E 161 -18.25 5.60 -45.22
C SER E 161 -17.18 5.40 -46.27
N PHE E 162 -16.48 6.46 -46.62
CA PHE E 162 -15.33 6.44 -47.54
C PHE E 162 -15.78 5.93 -48.91
N HIS E 163 -14.86 5.35 -49.68
CA HIS E 163 -15.13 4.91 -51.04
C HIS E 163 -15.03 3.40 -51.22
N TYR E 164 -15.16 2.63 -50.13
CA TYR E 164 -15.08 1.18 -50.22
C TYR E 164 -16.04 0.57 -49.21
N LEU E 165 -16.34 -0.72 -49.43
CA LEU E 165 -17.24 -1.44 -48.53
C LEU E 165 -16.70 -1.43 -47.11
N THR E 166 -17.58 -1.08 -46.16
CA THR E 166 -17.23 -1.04 -44.75
C THR E 166 -18.32 -1.72 -43.95
N LEU E 167 -18.07 -1.85 -42.64
CA LEU E 167 -19.06 -2.46 -41.76
C LEU E 167 -20.34 -1.62 -41.69
N SER E 168 -20.23 -0.31 -41.90
CA SER E 168 -21.41 0.55 -41.92
C SER E 168 -22.34 0.17 -43.06
N ASP E 169 -21.79 -0.13 -44.23
CA ASP E 169 -22.62 -0.48 -45.38
C ASP E 169 -23.41 -1.76 -45.14
N ILE E 170 -22.76 -2.78 -44.57
CA ILE E 170 -23.42 -4.07 -44.39
C ILE E 170 -24.50 -3.99 -43.32
N TYR E 171 -24.22 -3.28 -42.22
CA TYR E 171 -25.19 -3.18 -41.13
C TYR E 171 -26.46 -2.48 -41.59
N ILE E 172 -26.32 -1.33 -42.25
CA ILE E 172 -27.49 -0.58 -42.72
C ILE E 172 -28.20 -1.35 -43.84
N TYR E 173 -27.46 -2.16 -44.61
CA TYR E 173 -28.07 -2.92 -45.69
C TYR E 173 -29.14 -3.88 -45.15
N TYR E 174 -28.84 -4.57 -44.05
CA TYR E 174 -29.81 -5.51 -43.49
C TYR E 174 -30.95 -4.80 -42.78
N GLU E 175 -30.70 -3.61 -42.23
CA GLU E 175 -31.77 -2.85 -41.59
C GLU E 175 -32.77 -2.35 -42.63
N MET E 176 -32.31 -1.99 -43.83
CA MET E 176 -33.15 -1.53 -44.92
C MET E 176 -33.65 -2.66 -45.80
N HIS E 177 -33.34 -3.92 -45.48
CA HIS E 177 -33.61 -5.02 -46.38
C HIS E 177 -35.11 -5.17 -46.65
N LYS E 178 -35.94 -5.04 -45.60
CA LYS E 178 -37.37 -5.21 -45.76
C LYS E 178 -37.99 -4.12 -46.63
N TYR E 179 -37.33 -2.97 -46.78
CA TYR E 179 -37.90 -1.84 -47.49
C TYR E 179 -37.39 -1.67 -48.92
N PHE E 180 -36.21 -2.20 -49.25
CA PHE E 180 -35.62 -1.98 -50.57
C PHE E 180 -35.33 -3.26 -51.34
N SER E 181 -35.43 -4.44 -50.72
CA SER E 181 -35.19 -5.67 -51.46
C SER E 181 -36.26 -5.95 -52.50
N GLY E 182 -37.44 -5.36 -52.35
CA GLY E 182 -38.53 -5.60 -53.27
C GLY E 182 -39.28 -6.90 -53.07
N ASN E 183 -38.95 -7.65 -52.00
CA ASN E 183 -39.66 -8.89 -51.74
C ASN E 183 -41.10 -8.64 -51.32
N ILE E 184 -41.31 -7.69 -50.40
CA ILE E 184 -42.65 -7.32 -49.95
C ILE E 184 -43.20 -6.26 -50.90
N THR E 185 -44.35 -6.57 -51.52
CA THR E 185 -44.94 -5.67 -52.51
C THR E 185 -45.36 -4.34 -51.91
N THR E 186 -45.75 -4.32 -50.63
CA THR E 186 -46.18 -3.07 -50.01
C THR E 186 -45.02 -2.09 -49.84
N ASN E 187 -43.79 -2.59 -49.78
CA ASN E 187 -42.62 -1.77 -49.59
C ASN E 187 -41.95 -1.36 -50.91
N LEU E 188 -42.61 -1.59 -52.04
CA LEU E 188 -42.03 -1.24 -53.33
C LEU E 188 -41.90 0.27 -53.53
N LYS E 189 -42.53 1.10 -52.68
CA LYS E 189 -42.42 2.54 -52.85
C LYS E 189 -41.03 3.04 -52.48
N TYR E 190 -40.37 2.39 -51.53
CA TYR E 190 -39.08 2.88 -51.07
C TYR E 190 -38.00 2.81 -52.16
N PRO E 191 -37.83 1.70 -52.90
CA PRO E 191 -36.77 1.70 -53.93
C PRO E 191 -36.94 2.78 -55.00
N LYS E 192 -38.18 3.06 -55.42
CA LYS E 192 -38.37 4.09 -56.44
C LYS E 192 -38.23 5.49 -55.87
N GLN E 193 -38.71 5.72 -54.65
CA GLN E 193 -38.69 7.06 -54.09
C GLN E 193 -37.27 7.50 -53.72
N TYR E 194 -36.44 6.55 -53.31
CA TYR E 194 -35.07 6.84 -52.90
C TYR E 194 -34.15 6.08 -53.86
N LYS E 195 -33.86 6.68 -55.00
CA LYS E 195 -33.05 5.98 -55.99
C LYS E 195 -31.59 5.90 -55.57
N ASN E 196 -31.09 6.92 -54.88
CA ASN E 196 -29.70 6.87 -54.43
C ASN E 196 -29.50 5.74 -53.43
N ILE E 197 -30.47 5.56 -52.53
CA ILE E 197 -30.44 4.40 -51.64
C ILE E 197 -30.59 3.12 -52.45
N ASN E 198 -31.50 3.10 -53.43
CA ASN E 198 -31.67 1.94 -54.28
C ASN E 198 -30.41 1.66 -55.07
N ARG E 199 -29.73 2.70 -55.54
CA ARG E 199 -28.44 2.55 -56.19
C ARG E 199 -27.44 1.89 -55.25
N TRP E 200 -27.28 2.44 -54.06
CA TRP E 200 -26.36 1.89 -53.08
C TRP E 200 -26.78 0.49 -52.64
N PHE E 201 -28.10 0.27 -52.51
CA PHE E 201 -28.59 -1.05 -52.08
C PHE E 201 -28.19 -2.14 -53.08
N ARG E 202 -28.37 -1.87 -54.37
CA ARG E 202 -27.97 -2.85 -55.38
C ARG E 202 -26.47 -3.09 -55.37
N LEU E 203 -25.67 -2.03 -55.16
CA LEU E 203 -24.22 -2.19 -55.10
C LEU E 203 -23.82 -3.12 -53.96
N ILE E 204 -24.34 -2.87 -52.76
CA ILE E 204 -23.99 -3.69 -51.61
C ILE E 204 -24.48 -5.12 -51.79
N LYS E 205 -25.66 -5.29 -52.38
CA LYS E 205 -26.18 -6.63 -52.64
C LYS E 205 -25.26 -7.40 -53.59
N ALA E 206 -24.79 -6.75 -54.65
CA ALA E 206 -23.90 -7.42 -55.60
C ALA E 206 -22.56 -7.77 -54.95
N LEU E 207 -22.02 -6.86 -54.13
CA LEU E 207 -20.76 -7.15 -53.46
C LEU E 207 -20.91 -8.30 -52.48
N LEU E 208 -22.03 -8.36 -51.76
CA LEU E 208 -22.27 -9.43 -50.81
C LEU E 208 -22.79 -10.71 -51.46
N HIS E 209 -23.04 -10.69 -52.78
CA HIS E 209 -23.65 -11.83 -53.45
C HIS E 209 -22.81 -13.09 -53.30
N ASP E 210 -21.49 -12.95 -53.41
CA ASP E 210 -20.59 -14.10 -53.32
C ASP E 210 -20.48 -14.68 -51.91
N HIS E 211 -21.05 -14.03 -50.90
CA HIS E 211 -20.84 -14.43 -49.52
C HIS E 211 -22.09 -14.88 -48.77
N VAL E 212 -23.30 -14.59 -49.25
CA VAL E 212 -24.50 -14.91 -48.50
C VAL E 212 -25.37 -15.95 -49.22
N ALA E 213 -25.25 -16.08 -50.53
CA ALA E 213 -26.11 -16.99 -51.28
C ALA E 213 -25.74 -18.46 -51.05
N THR E 214 -24.53 -18.75 -50.56
CA THR E 214 -24.12 -20.13 -50.38
C THR E 214 -24.31 -20.67 -48.97
N ASP E 215 -24.57 -19.81 -47.99
CA ASP E 215 -24.71 -20.29 -46.63
C ASP E 215 -26.02 -21.05 -46.45
N ALA E 216 -27.10 -20.56 -47.07
CA ALA E 216 -28.45 -21.13 -47.09
C ALA E 216 -29.16 -21.03 -45.75
N GLU E 217 -28.51 -20.49 -44.71
CA GLU E 217 -29.16 -20.18 -43.45
C GLU E 217 -29.50 -18.71 -43.30
N LEU E 218 -28.61 -17.81 -43.72
CA LEU E 218 -28.96 -16.39 -43.78
C LEU E 218 -30.11 -16.14 -44.74
N ILE E 219 -30.09 -16.80 -45.90
CA ILE E 219 -31.18 -16.64 -46.86
C ILE E 219 -32.49 -17.17 -46.29
N GLN E 220 -32.44 -18.34 -45.63
CA GLN E 220 -33.65 -18.91 -45.04
C GLN E 220 -34.23 -17.98 -43.98
N ASN E 221 -33.37 -17.40 -43.14
CA ASN E 221 -33.85 -16.49 -42.10
C ASN E 221 -34.36 -15.18 -42.69
N LEU E 222 -33.85 -14.80 -43.87
CA LEU E 222 -34.37 -13.61 -44.55
C LEU E 222 -35.84 -13.79 -44.91
N LYS E 223 -36.21 -14.97 -45.40
CA LYS E 223 -37.59 -15.21 -45.81
C LYS E 223 -38.53 -15.20 -44.62
N VAL E 224 -38.09 -15.72 -43.48
CA VAL E 224 -38.92 -15.73 -42.27
C VAL E 224 -39.18 -14.30 -41.79
S SO4 F . 2.71 6.55 45.70
O1 SO4 F . 3.27 5.54 44.80
O2 SO4 F . 1.25 6.52 45.60
O3 SO4 F . 3.12 6.27 47.08
O4 SO4 F . 3.18 7.89 45.31
S SO4 G . 13.54 -2.92 39.10
O1 SO4 G . 12.64 -3.96 39.61
O2 SO4 G . 13.25 -2.67 37.70
O3 SO4 G . 13.36 -1.70 39.88
O4 SO4 G . 14.93 -3.36 39.24
C1 GOL H . 3.81 10.69 46.18
O1 GOL H . 2.58 10.01 46.40
C2 GOL H . 4.96 9.99 46.85
O2 GOL H . 5.40 8.88 46.06
C3 GOL H . 4.65 9.53 48.26
O3 GOL H . 3.73 8.44 48.27
C1 GOL I . 3.05 0.46 42.83
O1 GOL I . 3.70 0.09 41.64
C2 GOL I . 2.18 -0.68 43.30
O2 GOL I . 2.94 -1.87 43.26
C3 GOL I . 0.94 -0.80 42.45
O3 GOL I . 0.33 0.47 42.38
TB TB J . -20.13 15.83 34.76
TB TB K . -5.76 17.64 20.06
TB TB L . 0.03 33.95 46.68
TB TB M . 12.03 38.24 47.32
TB TB N . -2.98 35.65 41.69
TB TB O . -8.73 27.02 32.81
TB TB P . -4.41 25.90 55.03
S SO4 Q . 19.48 -4.08 18.72
O1 SO4 Q . 19.80 -5.47 18.69
O2 SO4 Q . 18.87 -3.70 17.47
O3 SO4 Q . 18.56 -3.82 19.79
O4 SO4 Q . 20.67 -3.31 18.92
S SO4 R . 33.64 5.63 21.71
O1 SO4 R . 32.54 5.17 20.88
O2 SO4 R . 34.58 6.40 20.90
O3 SO4 R . 33.11 6.45 22.79
O4 SO4 R . 34.34 4.48 22.30
C1 GOL S . 17.02 -10.59 19.04
O1 GOL S . 17.62 -10.28 17.80
C2 GOL S . 15.51 -10.41 18.93
O2 GOL S . 15.05 -11.18 17.83
C3 GOL S . 15.17 -8.94 18.73
O3 GOL S . 15.32 -8.64 17.37
TB TB T . 30.07 -17.28 7.87
TB TB U . 40.30 14.11 12.99
TB TB V . 36.59 -23.04 23.66
S SO4 W . 12.17 -19.83 4.95
O1 SO4 W . 11.02 -20.45 4.29
O2 SO4 W . 13.39 -20.55 4.58
O3 SO4 W . 11.98 -19.91 6.40
O4 SO4 W . 12.29 -18.45 4.51
C1 GOL X . 13.99 -18.73 10.98
O1 GOL X . 12.59 -18.70 11.16
C2 GOL X . 14.57 -17.37 11.33
O2 GOL X . 14.44 -16.52 10.21
C3 GOL X . 16.01 -17.51 11.77
O3 GOL X . 16.43 -16.25 12.27
TB TB Y . 21.29 2.67 -7.16
TB TB Z . 3.48 8.88 1.90
TB TB AA . 31.62 -26.40 0.61
TB TB BA . 6.31 1.43 -11.29
TB TB CA . 1.76 -6.85 -19.99
TB TB DA . -2.44 -4.29 -34.81
TB TB EA . -21.69 -10.32 -17.17
TB TB FA . -10.14 -18.33 -20.65
TB TB GA . -22.02 12.86 -39.33
TB TB HA . -9.05 14.12 -44.70
TB TB IA . -16.71 -13.14 -57.45
TB TB JA . -12.11 -9.94 -58.51
#